data_1BK5
#
_entry.id   1BK5
#
_cell.length_a   157.980
_cell.length_b   74.140
_cell.length_c   84.050
_cell.angle_alpha   90.00
_cell.angle_beta   90.00
_cell.angle_gamma   90.00
#
_symmetry.space_group_name_H-M   'P 21 21 21'
#
loop_
_entity.id
_entity.type
_entity.pdbx_description
1 polymer 'KARYOPHERIN ALPHA'
2 non-polymer 'COBALT (II) ION'
3 water water
#
_entity_poly.entity_id   1
_entity_poly.type   'polypeptide(L)'
_entity_poly.pdbx_seq_one_letter_code
;LPQMTQQLNSDDMQEQLSATVKFRQILSREHRPPIDVVIQAGVVPRLVEFMRENQPEMLQLEAAWALTNIASGTSAQTKV
VVDADAVPLFIQLLYTGSVEVKEQAIWALGNVAGDSTDYRDYVLQCNAMEPILGLFNSNKPSLIRTATWTLSNLCRGKKP
QPDWSVVSQALPTLAKLIYSMDTETLVDACWAISYLSDGPQEAIQAVIDVRIPKRLVELLSHESTLVQTPALRAVGNIVT
GNDLQTQVVINAGVLPALRLLLSSPKENIKKEACWTISNITAGNTEQIQAVIDANLIPPLVKLLEVAEYKTKKEACWAIS
NASSGGLQRPDIIRYLVSQGCIKPLCDLLEIADNRIIEVTLDALENILKMGEADKEARGLNINENADFIEKAGGMEKIFN
CQQNENDKIYEKAYKIIETYFG
;
_entity_poly.pdbx_strand_id   A,B
#
loop_
_chem_comp.id
_chem_comp.type
_chem_comp.name
_chem_comp.formula
CO non-polymer 'COBALT (II) ION' 'Co 2'
#
# COMPACT_ATOMS: atom_id res chain seq x y z
N LEU A 1 19.68 51.33 1.53
CA LEU A 1 18.56 51.00 2.42
C LEU A 1 18.38 52.00 3.56
N PRO A 2 19.45 52.32 4.30
CA PRO A 2 19.35 53.27 5.41
C PRO A 2 18.77 54.60 4.96
N GLN A 3 19.10 55.02 3.74
CA GLN A 3 18.61 56.27 3.17
C GLN A 3 17.16 56.11 2.69
N MET A 4 16.87 55.00 2.04
CA MET A 4 15.54 54.70 1.54
C MET A 4 14.58 54.55 2.71
N THR A 5 15.04 53.85 3.75
CA THR A 5 14.23 53.65 4.94
C THR A 5 13.82 54.99 5.50
N GLN A 6 14.74 55.95 5.46
CA GLN A 6 14.48 57.30 5.93
C GLN A 6 13.42 57.99 5.10
N GLN A 7 13.60 57.98 3.77
CA GLN A 7 12.61 58.59 2.89
C GLN A 7 11.24 57.96 3.06
N LEU A 8 11.22 56.64 3.23
CA LEU A 8 9.99 55.89 3.38
C LEU A 8 9.24 56.37 4.61
N ASN A 9 9.98 56.66 5.67
CA ASN A 9 9.37 57.13 6.92
C ASN A 9 9.10 58.61 6.94
N SER A 10 9.32 59.27 5.82
CA SER A 10 9.09 60.71 5.72
C SER A 10 7.59 60.98 5.64
N ASP A 11 7.19 62.20 5.99
CA ASP A 11 5.79 62.58 5.93
C ASP A 11 5.51 63.24 4.59
N ASP A 12 6.58 63.45 3.82
CA ASP A 12 6.47 64.07 2.51
C ASP A 12 6.02 63.00 1.51
N MET A 13 4.86 63.24 0.91
CA MET A 13 4.28 62.30 -0.06
C MET A 13 5.26 61.97 -1.17
N GLN A 14 5.77 63.01 -1.82
CA GLN A 14 6.70 62.82 -2.93
C GLN A 14 7.89 61.96 -2.48
N GLU A 15 8.25 62.07 -1.20
CA GLU A 15 9.34 61.28 -0.66
C GLU A 15 8.97 59.82 -0.45
N GLN A 16 7.83 59.60 0.20
CA GLN A 16 7.37 58.24 0.46
C GLN A 16 7.26 57.48 -0.87
N LEU A 17 6.66 58.13 -1.86
CA LEU A 17 6.48 57.53 -3.17
C LEU A 17 7.80 57.15 -3.83
N SER A 18 8.73 58.10 -3.87
CA SER A 18 10.03 57.87 -4.47
C SER A 18 10.75 56.69 -3.81
N ALA A 19 10.71 56.64 -2.49
CA ALA A 19 11.37 55.56 -1.78
C ALA A 19 10.65 54.22 -1.98
N THR A 20 9.33 54.25 -2.07
CA THR A 20 8.59 53.02 -2.27
C THR A 20 8.94 52.48 -3.65
N VAL A 21 9.15 53.39 -4.61
CA VAL A 21 9.52 52.98 -5.96
C VAL A 21 10.88 52.28 -5.90
N LYS A 22 11.84 52.88 -5.21
CA LYS A 22 13.15 52.26 -5.10
C LYS A 22 13.11 50.89 -4.44
N PHE A 23 12.34 50.73 -3.36
CA PHE A 23 12.23 49.42 -2.74
C PHE A 23 11.61 48.43 -3.71
N ARG A 24 10.60 48.88 -4.46
CA ARG A 24 9.95 48.03 -5.44
C ARG A 24 10.96 47.52 -6.45
N GLN A 25 11.75 48.44 -6.98
CA GLN A 25 12.75 48.10 -7.97
C GLN A 25 13.80 47.09 -7.51
N ILE A 26 14.33 47.27 -6.29
CA ILE A 26 15.33 46.31 -5.85
C ILE A 26 14.71 44.98 -5.52
N LEU A 27 13.43 44.99 -5.12
CA LEU A 27 12.74 43.74 -4.79
C LEU A 27 12.22 43.07 -6.07
N SER A 28 12.42 43.71 -7.22
CA SER A 28 11.98 43.16 -8.50
C SER A 28 13.11 42.51 -9.30
N ARG A 29 14.33 42.63 -8.81
CA ARG A 29 15.49 42.06 -9.47
C ARG A 29 15.25 40.61 -9.86
N GLU A 30 15.45 40.30 -11.14
CA GLU A 30 15.26 38.94 -11.59
C GLU A 30 16.22 38.01 -10.84
N HIS A 31 17.49 38.41 -10.80
CA HIS A 31 18.54 37.66 -10.14
C HIS A 31 18.12 37.15 -8.75
N ARG A 32 18.67 37.76 -7.72
CA ARG A 32 18.35 37.40 -6.35
C ARG A 32 17.93 38.66 -5.59
N PRO A 33 16.64 39.03 -5.65
CA PRO A 33 16.16 40.22 -4.97
C PRO A 33 16.51 40.14 -3.47
N PRO A 34 17.12 41.21 -2.92
CA PRO A 34 17.52 41.30 -1.51
C PRO A 34 16.31 41.37 -0.55
N ILE A 35 15.39 40.43 -0.68
CA ILE A 35 14.20 40.41 0.16
C ILE A 35 14.51 40.46 1.65
N ASP A 36 15.38 39.57 2.10
CA ASP A 36 15.72 39.49 3.52
C ASP A 36 16.37 40.78 4.03
N VAL A 37 17.25 41.37 3.23
CA VAL A 37 17.88 42.61 3.64
C VAL A 37 16.78 43.67 3.80
N VAL A 38 15.80 43.67 2.90
CA VAL A 38 14.69 44.61 2.95
C VAL A 38 13.81 44.36 4.19
N ILE A 39 13.62 43.09 4.53
CA ILE A 39 12.82 42.75 5.70
C ILE A 39 13.59 43.18 6.96
N GLN A 40 14.90 42.94 6.96
CA GLN A 40 15.76 43.30 8.08
C GLN A 40 15.65 44.80 8.31
N ALA A 41 15.44 45.54 7.23
CA ALA A 41 15.30 46.99 7.31
C ALA A 41 14.11 47.39 8.18
N GLY A 42 13.15 46.48 8.31
CA GLY A 42 11.97 46.74 9.12
C GLY A 42 10.94 47.65 8.48
N VAL A 43 10.92 47.71 7.15
CA VAL A 43 9.99 48.57 6.44
C VAL A 43 8.69 47.92 5.97
N VAL A 44 8.53 46.63 6.18
CA VAL A 44 7.31 45.98 5.73
C VAL A 44 6.05 46.63 6.30
N PRO A 45 5.96 46.76 7.63
CA PRO A 45 4.74 47.40 8.15
C PRO A 45 4.46 48.77 7.52
N ARG A 46 5.51 49.53 7.22
CA ARG A 46 5.38 50.85 6.62
C ARG A 46 4.75 50.75 5.23
N LEU A 47 5.22 49.78 4.44
CA LEU A 47 4.67 49.58 3.10
C LEU A 47 3.20 49.19 3.22
N VAL A 48 2.90 48.36 4.22
CA VAL A 48 1.51 47.93 4.43
C VAL A 48 0.66 49.16 4.70
N GLU A 49 1.22 50.13 5.42
CA GLU A 49 0.52 51.38 5.71
C GLU A 49 0.11 52.03 4.40
N PHE A 50 1.02 51.98 3.43
CA PHE A 50 0.80 52.60 2.15
C PHE A 50 -0.30 51.97 1.30
N MET A 51 -0.79 50.80 1.71
CA MET A 51 -1.87 50.16 0.95
C MET A 51 -3.25 50.51 1.49
N ARG A 52 -3.28 51.29 2.57
CA ARG A 52 -4.56 51.68 3.16
C ARG A 52 -5.43 52.49 2.21
N GLU A 53 -6.72 52.49 2.51
CA GLU A 53 -7.77 53.14 1.71
C GLU A 53 -7.57 54.62 1.34
N ASN A 54 -6.98 55.41 2.24
CA ASN A 54 -6.82 56.84 1.95
C ASN A 54 -5.60 57.21 1.12
N GLN A 55 -4.69 56.27 0.94
CA GLN A 55 -3.45 56.53 0.22
C GLN A 55 -3.61 56.78 -1.29
N PRO A 56 -2.75 57.63 -1.87
CA PRO A 56 -2.84 57.90 -3.32
C PRO A 56 -2.62 56.56 -4.00
N GLU A 57 -3.39 56.27 -5.05
CA GLU A 57 -3.28 54.98 -5.73
C GLU A 57 -1.89 54.62 -6.24
N MET A 58 -1.10 55.59 -6.64
CA MET A 58 0.24 55.27 -7.12
C MET A 58 1.06 54.71 -5.97
N LEU A 59 0.87 55.28 -4.79
CA LEU A 59 1.59 54.82 -3.61
C LEU A 59 1.07 53.41 -3.26
N GLN A 60 -0.25 53.21 -3.40
CA GLN A 60 -0.85 51.91 -3.14
C GLN A 60 -0.23 50.84 -4.05
N LEU A 61 -0.10 51.17 -5.34
CA LEU A 61 0.48 50.24 -6.32
C LEU A 61 1.93 49.89 -6.00
N GLU A 62 2.77 50.90 -5.88
CA GLU A 62 4.18 50.67 -5.59
C GLU A 62 4.37 49.88 -4.29
N ALA A 63 3.58 50.18 -3.26
CA ALA A 63 3.70 49.45 -2.00
C ALA A 63 3.24 48.01 -2.13
N ALA A 64 2.12 47.81 -2.84
CA ALA A 64 1.58 46.47 -3.03
C ALA A 64 2.57 45.65 -3.86
N TRP A 65 3.10 46.28 -4.88
CA TRP A 65 4.06 45.64 -5.77
C TRP A 65 5.26 45.17 -4.96
N ALA A 66 5.82 46.09 -4.16
CA ALA A 66 6.96 45.77 -3.34
C ALA A 66 6.67 44.59 -2.40
N LEU A 67 5.50 44.62 -1.75
CA LEU A 67 5.09 43.58 -0.82
C LEU A 67 4.77 42.26 -1.52
N THR A 68 4.29 42.34 -2.76
CA THR A 68 3.99 41.14 -3.51
C THR A 68 5.29 40.41 -3.86
N ASN A 69 6.36 41.16 -4.11
CA ASN A 69 7.65 40.53 -4.42
C ASN A 69 8.15 39.82 -3.18
N ILE A 70 7.86 40.39 -2.02
CA ILE A 70 8.27 39.75 -0.78
C ILE A 70 7.38 38.54 -0.53
N ALA A 71 6.07 38.69 -0.70
CA ALA A 71 5.11 37.61 -0.46
C ALA A 71 5.27 36.40 -1.38
N SER A 72 5.81 36.62 -2.57
CA SER A 72 6.01 35.53 -3.51
C SER A 72 7.38 34.89 -3.35
N GLY A 73 8.05 35.23 -2.24
CA GLY A 73 9.36 34.65 -1.96
C GLY A 73 9.16 33.37 -1.17
N THR A 74 10.09 33.05 -0.29
CA THR A 74 9.97 31.83 0.50
C THR A 74 8.83 31.91 1.49
N SER A 75 8.46 30.78 2.07
CA SER A 75 7.38 30.72 3.03
C SER A 75 7.67 31.67 4.18
N ALA A 76 8.92 31.67 4.64
CA ALA A 76 9.34 32.54 5.72
C ALA A 76 9.14 34.02 5.37
N GLN A 77 9.35 34.36 4.10
CA GLN A 77 9.20 35.74 3.67
C GLN A 77 7.70 36.08 3.54
N THR A 78 6.92 35.13 3.03
CA THR A 78 5.49 35.30 2.89
C THR A 78 4.90 35.57 4.29
N LYS A 79 5.43 34.86 5.28
CA LYS A 79 4.98 35.01 6.67
C LYS A 79 5.15 36.43 7.20
N VAL A 80 6.27 37.05 6.82
CA VAL A 80 6.55 38.41 7.25
C VAL A 80 5.47 39.36 6.77
N VAL A 81 4.98 39.13 5.55
CA VAL A 81 3.96 39.97 4.97
C VAL A 81 2.61 39.66 5.62
N VAL A 82 2.30 38.38 5.76
CA VAL A 82 1.04 38.01 6.40
C VAL A 82 0.96 38.54 7.82
N ASP A 83 2.07 38.45 8.56
CA ASP A 83 2.08 38.93 9.93
C ASP A 83 2.00 40.44 10.03
N ALA A 84 2.24 41.14 8.92
CA ALA A 84 2.15 42.60 8.95
C ALA A 84 0.73 43.11 8.64
N ASP A 85 -0.25 42.20 8.60
CA ASP A 85 -1.66 42.58 8.34
C ASP A 85 -1.93 42.98 6.88
N ALA A 86 -1.13 42.50 5.95
CA ALA A 86 -1.28 42.87 4.55
C ALA A 86 -2.51 42.30 3.85
N VAL A 87 -2.82 41.04 4.14
CA VAL A 87 -3.93 40.36 3.48
C VAL A 87 -5.23 41.15 3.32
N PRO A 88 -5.83 41.60 4.43
CA PRO A 88 -7.08 42.35 4.30
C PRO A 88 -7.00 43.60 3.40
N LEU A 89 -5.81 44.20 3.27
CA LEU A 89 -5.63 45.38 2.43
C LEU A 89 -5.47 44.96 0.97
N PHE A 90 -4.85 43.81 0.74
CA PHE A 90 -4.71 43.30 -0.61
C PHE A 90 -6.12 43.00 -1.11
N ILE A 91 -6.96 42.51 -0.21
CA ILE A 91 -8.33 42.17 -0.56
C ILE A 91 -9.18 43.40 -0.88
N GLN A 92 -9.04 44.46 -0.11
CA GLN A 92 -9.86 45.64 -0.39
C GLN A 92 -9.34 46.34 -1.67
N LEU A 93 -8.06 46.20 -1.94
CA LEU A 93 -7.46 46.77 -3.16
C LEU A 93 -7.99 46.01 -4.36
N LEU A 94 -8.34 44.74 -4.16
CA LEU A 94 -8.88 43.93 -5.24
C LEU A 94 -10.22 44.45 -5.72
N TYR A 95 -10.89 45.25 -4.89
CA TYR A 95 -12.15 45.83 -5.30
C TYR A 95 -11.89 47.14 -6.00
N THR A 96 -11.32 48.06 -5.23
CA THR A 96 -11.04 49.44 -5.66
C THR A 96 -9.88 49.71 -6.62
N GLY A 97 -8.82 48.92 -6.51
CA GLY A 97 -7.66 49.15 -7.34
C GLY A 97 -7.80 49.16 -8.85
N SER A 98 -6.80 49.77 -9.49
CA SER A 98 -6.74 49.83 -10.93
C SER A 98 -6.33 48.41 -11.35
N VAL A 99 -6.35 48.13 -12.66
CA VAL A 99 -5.96 46.82 -13.14
C VAL A 99 -4.56 46.48 -12.66
N GLU A 100 -3.66 47.46 -12.71
CA GLU A 100 -2.27 47.28 -12.25
C GLU A 100 -2.22 46.85 -10.79
N VAL A 101 -2.98 47.52 -9.94
CA VAL A 101 -3.03 47.21 -8.53
C VAL A 101 -3.65 45.83 -8.33
N LYS A 102 -4.72 45.54 -9.06
CA LYS A 102 -5.37 44.24 -8.94
C LYS A 102 -4.41 43.11 -9.30
N GLU A 103 -3.63 43.30 -10.36
CA GLU A 103 -2.69 42.28 -10.77
C GLU A 103 -1.73 41.94 -9.63
N GLN A 104 -1.24 42.96 -8.92
CA GLN A 104 -0.32 42.68 -7.81
C GLN A 104 -1.07 41.95 -6.69
N ALA A 105 -2.19 42.51 -6.28
CA ALA A 105 -3.00 41.97 -5.21
C ALA A 105 -3.40 40.51 -5.41
N ILE A 106 -3.78 40.13 -6.63
CA ILE A 106 -4.20 38.75 -6.87
C ILE A 106 -3.03 37.77 -6.86
N TRP A 107 -1.86 38.23 -7.29
CA TRP A 107 -0.66 37.39 -7.30
C TRP A 107 -0.21 37.21 -5.84
N ALA A 108 -0.33 38.28 -5.05
CA ALA A 108 0.06 38.18 -3.65
C ALA A 108 -0.85 37.20 -2.93
N LEU A 109 -2.16 37.36 -3.13
CA LEU A 109 -3.14 36.49 -2.49
C LEU A 109 -2.99 35.03 -2.89
N GLY A 110 -2.67 34.77 -4.15
CA GLY A 110 -2.48 33.40 -4.60
C GLY A 110 -1.30 32.77 -3.89
N ASN A 111 -0.23 33.55 -3.72
CA ASN A 111 0.96 33.05 -3.03
C ASN A 111 0.68 32.83 -1.54
N VAL A 112 -0.11 33.71 -0.93
CA VAL A 112 -0.43 33.49 0.47
C VAL A 112 -1.29 32.24 0.57
N ALA A 113 -2.32 32.15 -0.27
CA ALA A 113 -3.23 31.00 -0.25
C ALA A 113 -2.54 29.68 -0.54
N GLY A 114 -1.54 29.69 -1.42
CA GLY A 114 -0.86 28.44 -1.74
C GLY A 114 0.22 28.05 -0.77
N ASP A 115 0.48 28.91 0.21
CA ASP A 115 1.53 28.66 1.19
C ASP A 115 1.24 27.44 2.07
N SER A 116 0.01 27.37 2.57
CA SER A 116 -0.39 26.30 3.46
C SER A 116 -1.89 26.35 3.69
N THR A 117 -2.45 25.35 4.35
CA THR A 117 -3.89 25.35 4.60
C THR A 117 -4.26 26.42 5.61
N ASP A 118 -3.30 26.80 6.47
CA ASP A 118 -3.58 27.86 7.42
C ASP A 118 -3.77 29.19 6.68
N TYR A 119 -2.88 29.49 5.74
CA TYR A 119 -3.01 30.74 4.99
C TYR A 119 -4.18 30.67 4.03
N ARG A 120 -4.45 29.48 3.52
CA ARG A 120 -5.57 29.30 2.60
C ARG A 120 -6.86 29.67 3.35
N ASP A 121 -7.03 29.10 4.53
CA ASP A 121 -8.23 29.39 5.31
C ASP A 121 -8.32 30.85 5.76
N TYR A 122 -7.17 31.44 6.12
CA TYR A 122 -7.14 32.83 6.53
C TYR A 122 -7.65 33.69 5.37
N VAL A 123 -7.15 33.41 4.18
CA VAL A 123 -7.57 34.15 2.98
C VAL A 123 -9.05 33.99 2.68
N LEU A 124 -9.55 32.75 2.79
CA LEU A 124 -10.96 32.49 2.54
C LEU A 124 -11.78 33.18 3.62
N GLN A 125 -11.25 33.13 4.84
CA GLN A 125 -11.94 33.72 5.97
C GLN A 125 -12.00 35.23 5.87
N CYS A 126 -11.00 35.84 5.23
CA CYS A 126 -10.99 37.30 5.06
C CYS A 126 -11.94 37.74 3.95
N ASN A 127 -12.73 36.79 3.43
CA ASN A 127 -13.66 37.07 2.34
C ASN A 127 -12.98 37.58 1.09
N ALA A 128 -11.93 36.88 0.68
CA ALA A 128 -11.20 37.24 -0.52
C ALA A 128 -11.96 36.72 -1.75
N MET A 129 -12.82 35.74 -1.53
CA MET A 129 -13.55 35.14 -2.62
C MET A 129 -14.44 36.08 -3.43
N GLU A 130 -15.07 37.04 -2.75
CA GLU A 130 -15.97 37.97 -3.45
C GLU A 130 -15.27 38.80 -4.53
N PRO A 131 -14.23 39.59 -4.16
CA PRO A 131 -13.53 40.39 -5.18
C PRO A 131 -12.74 39.55 -6.18
N ILE A 132 -12.41 38.32 -5.80
CA ILE A 132 -11.66 37.44 -6.70
C ILE A 132 -12.57 36.98 -7.84
N LEU A 133 -13.77 36.53 -7.49
CA LEU A 133 -14.71 36.10 -8.52
C LEU A 133 -15.03 37.32 -9.37
N GLY A 134 -14.97 38.50 -8.75
CA GLY A 134 -15.26 39.73 -9.47
C GLY A 134 -14.25 40.08 -10.56
N LEU A 135 -13.06 39.52 -10.49
CA LEU A 135 -12.03 39.80 -11.49
C LEU A 135 -12.34 39.14 -12.83
N PHE A 136 -13.21 38.14 -12.82
CA PHE A 136 -13.53 37.44 -14.05
C PHE A 136 -14.44 38.20 -15.00
N ASN A 137 -14.95 39.34 -14.56
CA ASN A 137 -15.80 40.14 -15.41
C ASN A 137 -14.88 41.11 -16.15
N SER A 138 -13.58 40.95 -15.92
CA SER A 138 -12.62 41.80 -16.60
C SER A 138 -12.43 41.17 -17.96
N ASN A 139 -11.63 41.81 -18.81
CA ASN A 139 -11.41 41.26 -20.13
C ASN A 139 -9.93 41.20 -20.44
N LYS A 140 -9.13 40.89 -19.43
CA LYS A 140 -7.68 40.78 -19.60
C LYS A 140 -7.21 39.38 -19.27
N PRO A 141 -6.76 38.64 -20.28
CA PRO A 141 -6.27 37.26 -20.12
C PRO A 141 -5.32 37.02 -18.96
N SER A 142 -4.22 37.75 -18.92
CA SER A 142 -3.22 37.56 -17.87
C SER A 142 -3.81 37.67 -16.46
N LEU A 143 -4.71 38.63 -16.27
CA LEU A 143 -5.35 38.82 -14.97
C LEU A 143 -6.25 37.64 -14.64
N ILE A 144 -7.03 37.19 -15.63
CA ILE A 144 -7.93 36.05 -15.44
C ILE A 144 -7.12 34.79 -15.11
N ARG A 145 -5.94 34.65 -15.73
CA ARG A 145 -5.09 33.50 -15.45
C ARG A 145 -4.68 33.43 -13.99
N THR A 146 -4.02 34.49 -13.54
CA THR A 146 -3.54 34.57 -12.17
C THR A 146 -4.71 34.37 -11.21
N ALA A 147 -5.86 34.94 -11.57
CA ALA A 147 -7.05 34.83 -10.74
C ALA A 147 -7.49 33.38 -10.66
N THR A 148 -7.38 32.66 -11.77
CA THR A 148 -7.80 31.27 -11.80
C THR A 148 -6.84 30.43 -10.97
N TRP A 149 -5.56 30.71 -11.12
CA TRP A 149 -4.53 30.00 -10.39
C TRP A 149 -4.78 30.17 -8.89
N THR A 150 -5.14 31.38 -8.49
CA THR A 150 -5.40 31.70 -7.10
C THR A 150 -6.58 30.89 -6.58
N LEU A 151 -7.61 30.82 -7.40
CA LEU A 151 -8.83 30.09 -7.08
C LEU A 151 -8.44 28.62 -6.88
N SER A 152 -7.49 28.14 -7.69
CA SER A 152 -7.02 26.77 -7.59
C SER A 152 -6.36 26.54 -6.22
N ASN A 153 -5.48 27.44 -5.82
CA ASN A 153 -4.82 27.32 -4.53
C ASN A 153 -5.82 27.30 -3.40
N LEU A 154 -6.86 28.11 -3.53
CA LEU A 154 -7.89 28.20 -2.51
C LEU A 154 -8.74 26.95 -2.40
N CYS A 155 -8.89 26.21 -3.49
CA CYS A 155 -9.71 25.00 -3.47
C CYS A 155 -8.93 23.76 -3.11
N ARG A 156 -7.61 23.85 -3.18
CA ARG A 156 -6.73 22.72 -2.89
C ARG A 156 -6.54 22.42 -1.40
N GLY A 157 -6.24 21.16 -1.08
CA GLY A 157 -6.02 20.80 0.30
C GLY A 157 -7.15 19.95 0.82
N LYS A 158 -6.82 18.81 1.38
CA LYS A 158 -7.83 17.91 1.82
C LYS A 158 -7.73 17.56 3.29
N LYS A 159 -6.59 17.79 3.91
CA LYS A 159 -6.54 17.50 5.30
C LYS A 159 -7.48 18.57 5.82
N PRO A 160 -6.97 19.79 6.17
CA PRO A 160 -8.22 20.48 6.52
C PRO A 160 -8.79 20.73 5.10
N GLN A 161 -10.01 20.29 4.80
CA GLN A 161 -10.60 20.58 3.49
C GLN A 161 -10.96 22.07 3.62
N PRO A 162 -10.92 22.82 2.52
CA PRO A 162 -11.28 24.24 2.61
C PRO A 162 -12.78 24.42 2.87
N ASP A 163 -13.13 25.50 3.56
CA ASP A 163 -14.51 25.82 3.88
C ASP A 163 -15.40 25.72 2.63
N TRP A 164 -16.21 24.68 2.56
CA TRP A 164 -17.09 24.44 1.43
C TRP A 164 -18.10 25.54 1.15
N SER A 165 -18.58 26.21 2.21
CA SER A 165 -19.57 27.26 2.00
C SER A 165 -18.92 28.42 1.24
N VAL A 166 -17.60 28.53 1.37
CA VAL A 166 -16.89 29.59 0.67
C VAL A 166 -16.47 29.14 -0.73
N VAL A 167 -15.67 28.08 -0.82
CA VAL A 167 -15.19 27.63 -2.12
C VAL A 167 -16.26 27.21 -3.13
N SER A 168 -17.39 26.70 -2.68
CA SER A 168 -18.44 26.28 -3.60
C SER A 168 -18.99 27.45 -4.42
N GLN A 169 -18.81 28.66 -3.93
CA GLN A 169 -19.30 29.85 -4.65
C GLN A 169 -18.54 30.06 -5.95
N ALA A 170 -17.43 29.35 -6.12
CA ALA A 170 -16.62 29.48 -7.32
C ALA A 170 -17.07 28.57 -8.46
N LEU A 171 -17.92 27.60 -8.15
CA LEU A 171 -18.37 26.66 -9.19
C LEU A 171 -18.93 27.31 -10.46
N PRO A 172 -19.88 28.25 -10.32
CA PRO A 172 -20.41 28.87 -11.54
C PRO A 172 -19.31 29.49 -12.41
N THR A 173 -18.40 30.24 -11.78
CA THR A 173 -17.30 30.86 -12.53
C THR A 173 -16.42 29.76 -13.13
N LEU A 174 -16.19 28.71 -12.34
CA LEU A 174 -15.37 27.60 -12.81
C LEU A 174 -16.05 26.91 -13.99
N ALA A 175 -17.37 26.74 -13.90
CA ALA A 175 -18.14 26.09 -14.98
C ALA A 175 -17.99 26.83 -16.29
N LYS A 176 -17.78 28.14 -16.23
CA LYS A 176 -17.62 28.94 -17.44
C LYS A 176 -16.17 28.95 -17.93
N LEU A 177 -15.22 29.05 -17.01
CA LEU A 177 -13.81 29.06 -17.39
C LEU A 177 -13.35 27.83 -18.15
N ILE A 178 -13.99 26.68 -17.94
CA ILE A 178 -13.58 25.51 -18.67
C ILE A 178 -13.98 25.53 -20.16
N TYR A 179 -14.49 26.67 -20.61
CA TYR A 179 -14.83 26.87 -22.03
C TYR A 179 -13.86 27.92 -22.59
N SER A 180 -12.87 28.29 -21.78
CA SER A 180 -11.87 29.29 -22.17
C SER A 180 -10.97 28.81 -23.30
N MET A 181 -10.43 29.76 -24.05
CA MET A 181 -9.55 29.47 -25.17
C MET A 181 -8.11 29.44 -24.65
N ASP A 182 -7.89 30.03 -23.49
CA ASP A 182 -6.56 30.09 -22.89
C ASP A 182 -6.22 28.78 -22.17
N THR A 183 -5.16 28.13 -22.64
CA THR A 183 -4.73 26.88 -22.06
C THR A 183 -4.37 26.95 -20.58
N GLU A 184 -3.58 27.95 -20.18
CA GLU A 184 -3.21 28.07 -18.77
C GLU A 184 -4.44 28.21 -17.88
N THR A 185 -5.37 29.05 -18.31
CA THR A 185 -6.60 29.29 -17.55
C THR A 185 -7.38 28.00 -17.41
N LEU A 186 -7.52 27.31 -18.53
CA LEU A 186 -8.25 26.06 -18.59
C LEU A 186 -7.61 25.03 -17.65
N VAL A 187 -6.29 24.91 -17.71
CA VAL A 187 -5.55 23.97 -16.85
C VAL A 187 -5.86 24.22 -15.38
N ASP A 188 -5.63 25.45 -14.93
CA ASP A 188 -5.88 25.80 -13.54
C ASP A 188 -7.33 25.61 -13.13
N ALA A 189 -8.25 25.94 -14.04
CA ALA A 189 -9.68 25.78 -13.75
C ALA A 189 -9.97 24.31 -13.53
N CYS A 190 -9.40 23.46 -14.38
CA CYS A 190 -9.60 22.03 -14.25
C CYS A 190 -9.00 21.51 -12.93
N TRP A 191 -7.84 22.04 -12.52
CA TRP A 191 -7.26 21.59 -11.27
C TRP A 191 -8.18 21.99 -10.13
N ALA A 192 -8.63 23.24 -10.15
CA ALA A 192 -9.50 23.77 -9.11
C ALA A 192 -10.74 22.87 -8.97
N ILE A 193 -11.28 22.44 -10.10
CA ILE A 193 -12.46 21.58 -10.10
C ILE A 193 -12.13 20.19 -9.55
N SER A 194 -10.96 19.66 -9.89
CA SER A 194 -10.61 18.33 -9.38
C SER A 194 -10.50 18.37 -7.85
N TYR A 195 -10.04 19.51 -7.31
CA TYR A 195 -9.90 19.68 -5.86
C TYR A 195 -11.30 19.77 -5.21
N LEU A 196 -12.20 20.52 -5.83
CA LEU A 196 -13.56 20.64 -5.32
C LEU A 196 -14.25 19.29 -5.42
N SER A 197 -13.87 18.50 -6.43
CA SER A 197 -14.47 17.17 -6.64
C SER A 197 -13.98 16.06 -5.72
N ASP A 198 -12.94 16.33 -4.94
CA ASP A 198 -12.40 15.32 -4.04
C ASP A 198 -13.09 15.26 -2.67
N GLY A 199 -14.17 16.02 -2.49
CA GLY A 199 -14.84 16.01 -1.20
C GLY A 199 -15.89 14.93 -1.05
N PRO A 200 -16.79 15.06 -0.06
CA PRO A 200 -17.84 14.09 0.18
C PRO A 200 -18.87 14.19 -0.94
N GLN A 201 -19.95 13.42 -0.79
CA GLN A 201 -21.04 13.37 -1.76
C GLN A 201 -21.56 14.76 -2.14
N GLU A 202 -21.68 15.65 -1.15
CA GLU A 202 -22.20 17.00 -1.41
C GLU A 202 -21.34 17.78 -2.41
N ALA A 203 -20.02 17.72 -2.23
CA ALA A 203 -19.09 18.40 -3.11
C ALA A 203 -19.27 17.86 -4.53
N ILE A 204 -19.22 16.54 -4.66
CA ILE A 204 -19.38 15.91 -5.96
C ILE A 204 -20.74 16.27 -6.58
N GLN A 205 -21.78 16.34 -5.75
CA GLN A 205 -23.11 16.65 -6.25
C GLN A 205 -23.23 18.09 -6.75
N ALA A 206 -22.50 18.99 -6.10
CA ALA A 206 -22.54 20.39 -6.51
C ALA A 206 -21.81 20.55 -7.85
N VAL A 207 -20.81 19.71 -8.10
CA VAL A 207 -20.08 19.79 -9.37
C VAL A 207 -20.99 19.28 -10.49
N ILE A 208 -21.76 18.25 -10.17
CA ILE A 208 -22.71 17.67 -11.12
C ILE A 208 -23.85 18.62 -11.41
N ASP A 209 -24.31 19.32 -10.37
CA ASP A 209 -25.43 20.24 -10.51
C ASP A 209 -25.15 21.43 -11.42
N VAL A 210 -23.93 21.97 -11.36
CA VAL A 210 -23.59 23.11 -12.19
C VAL A 210 -23.15 22.61 -13.60
N ARG A 211 -23.43 21.34 -13.87
CA ARG A 211 -23.15 20.68 -15.14
C ARG A 211 -21.71 20.70 -15.67
N ILE A 212 -20.75 20.51 -14.79
CA ILE A 212 -19.36 20.48 -15.16
C ILE A 212 -18.92 19.16 -15.81
N PRO A 213 -19.46 18.02 -15.34
CA PRO A 213 -19.10 16.70 -15.87
C PRO A 213 -18.98 16.55 -17.39
N LYS A 214 -20.01 16.95 -18.12
CA LYS A 214 -19.96 16.83 -19.57
C LYS A 214 -18.81 17.60 -20.18
N ARG A 215 -18.51 18.78 -19.65
CA ARG A 215 -17.41 19.56 -20.20
C ARG A 215 -16.08 18.88 -19.88
N LEU A 216 -16.00 18.30 -18.68
CA LEU A 216 -14.80 17.58 -18.26
C LEU A 216 -14.52 16.46 -19.26
N VAL A 217 -15.58 15.74 -19.62
CA VAL A 217 -15.46 14.64 -20.55
C VAL A 217 -14.96 15.12 -21.91
N GLU A 218 -15.56 16.21 -22.42
CA GLU A 218 -15.15 16.76 -23.71
C GLU A 218 -13.68 17.16 -23.66
N LEU A 219 -13.24 17.68 -22.51
CA LEU A 219 -11.86 18.08 -22.33
C LEU A 219 -10.87 16.92 -22.26
N LEU A 220 -11.36 15.70 -22.06
CA LEU A 220 -10.47 14.55 -22.00
C LEU A 220 -9.73 14.36 -23.33
N SER A 221 -10.33 14.84 -24.41
CA SER A 221 -9.71 14.73 -25.72
C SER A 221 -8.98 16.02 -26.11
N HIS A 222 -8.70 16.87 -25.13
CA HIS A 222 -8.00 18.11 -25.42
C HIS A 222 -6.60 17.71 -25.89
N GLU A 223 -6.08 18.44 -26.87
CA GLU A 223 -4.78 18.16 -27.46
C GLU A 223 -3.64 18.13 -26.45
N SER A 224 -3.73 18.96 -25.42
CA SER A 224 -2.68 19.03 -24.40
C SER A 224 -2.91 18.14 -23.20
N THR A 225 -1.88 17.39 -22.81
CA THR A 225 -1.97 16.50 -21.66
C THR A 225 -2.03 17.32 -20.38
N LEU A 226 -1.69 18.60 -20.47
CA LEU A 226 -1.73 19.48 -19.30
C LEU A 226 -3.18 19.77 -18.94
N VAL A 227 -4.06 19.61 -19.94
CA VAL A 227 -5.49 19.81 -19.77
C VAL A 227 -6.15 18.46 -19.40
N GLN A 228 -5.75 17.41 -20.10
CA GLN A 228 -6.29 16.07 -19.87
C GLN A 228 -6.05 15.54 -18.44
N THR A 229 -4.88 15.82 -17.88
CA THR A 229 -4.54 15.34 -16.54
C THR A 229 -5.51 15.82 -15.47
N PRO A 230 -5.63 17.14 -15.28
CA PRO A 230 -6.57 17.62 -14.26
C PRO A 230 -8.02 17.28 -14.61
N ALA A 231 -8.35 17.26 -15.89
CA ALA A 231 -9.72 16.93 -16.28
C ALA A 231 -9.99 15.47 -15.92
N LEU A 232 -9.01 14.61 -16.20
CA LEU A 232 -9.16 13.19 -15.89
C LEU A 232 -9.19 13.01 -14.37
N ARG A 233 -8.37 13.79 -13.65
CA ARG A 233 -8.34 13.71 -12.20
C ARG A 233 -9.75 14.04 -11.65
N ALA A 234 -10.33 15.13 -12.14
CA ALA A 234 -11.66 15.57 -11.73
C ALA A 234 -12.73 14.53 -12.02
N VAL A 235 -12.67 13.93 -13.20
CA VAL A 235 -13.60 12.89 -13.61
C VAL A 235 -13.43 11.70 -12.67
N GLY A 236 -12.18 11.35 -12.39
CA GLY A 236 -11.89 10.24 -11.51
C GLY A 236 -12.49 10.46 -10.13
N ASN A 237 -12.31 11.66 -9.59
CA ASN A 237 -12.87 11.97 -8.27
C ASN A 237 -14.38 11.83 -8.26
N ILE A 238 -15.04 12.34 -9.30
CA ILE A 238 -16.49 12.27 -9.38
C ILE A 238 -17.00 10.83 -9.37
N VAL A 239 -16.37 9.94 -10.13
CA VAL A 239 -16.83 8.55 -10.13
C VAL A 239 -16.49 7.77 -8.86
N THR A 240 -15.84 8.40 -7.89
CA THR A 240 -15.58 7.66 -6.65
C THR A 240 -16.85 7.83 -5.84
N GLY A 241 -17.75 8.71 -6.31
CA GLY A 241 -19.01 8.94 -5.64
C GLY A 241 -19.92 7.71 -5.79
N ASN A 242 -21.20 7.86 -5.49
CA ASN A 242 -22.11 6.73 -5.58
C ASN A 242 -22.50 6.39 -7.01
N ASP A 243 -23.21 5.26 -7.17
CA ASP A 243 -23.66 4.78 -8.46
C ASP A 243 -24.44 5.82 -9.29
N LEU A 244 -25.36 6.54 -8.66
CA LEU A 244 -26.13 7.56 -9.37
C LEU A 244 -25.23 8.66 -9.91
N GLN A 245 -24.31 9.15 -9.08
CA GLN A 245 -23.41 10.21 -9.51
C GLN A 245 -22.49 9.67 -10.59
N THR A 246 -22.17 8.39 -10.52
CA THR A 246 -21.30 7.78 -11.51
C THR A 246 -22.00 7.67 -12.87
N GLN A 247 -23.31 7.42 -12.87
CA GLN A 247 -24.05 7.34 -14.13
C GLN A 247 -24.07 8.65 -14.88
N VAL A 248 -24.01 9.75 -14.14
CA VAL A 248 -24.00 11.05 -14.77
C VAL A 248 -22.79 11.15 -15.68
N VAL A 249 -21.64 10.68 -15.18
CA VAL A 249 -20.39 10.73 -15.94
C VAL A 249 -20.46 9.75 -17.12
N ILE A 250 -21.05 8.59 -16.88
CA ILE A 250 -21.21 7.59 -17.95
C ILE A 250 -22.10 8.19 -19.04
N ASN A 251 -23.23 8.76 -18.65
CA ASN A 251 -24.14 9.34 -19.63
C ASN A 251 -23.47 10.49 -20.38
N ALA A 252 -22.44 11.06 -19.78
CA ALA A 252 -21.70 12.16 -20.41
C ALA A 252 -20.76 11.59 -21.50
N GLY A 253 -20.71 10.27 -21.62
CA GLY A 253 -19.87 9.63 -22.63
C GLY A 253 -18.41 9.48 -22.21
N VAL A 254 -18.17 9.31 -20.92
CA VAL A 254 -16.81 9.17 -20.41
C VAL A 254 -16.10 7.91 -20.92
N LEU A 255 -16.84 6.81 -21.06
CA LEU A 255 -16.25 5.54 -21.49
C LEU A 255 -15.51 5.59 -22.82
N PRO A 256 -16.12 6.17 -23.86
CA PRO A 256 -15.37 6.20 -25.12
C PRO A 256 -14.11 7.04 -24.96
N ALA A 257 -14.22 8.12 -24.17
CA ALA A 257 -13.08 9.01 -23.95
C ALA A 257 -11.96 8.29 -23.22
N LEU A 258 -12.29 7.52 -22.19
CA LEU A 258 -11.30 6.78 -21.43
C LEU A 258 -10.59 5.77 -22.31
N ARG A 259 -11.34 5.16 -23.23
CA ARG A 259 -10.79 4.18 -24.15
C ARG A 259 -9.57 4.77 -24.85
N LEU A 260 -9.71 6.03 -25.28
CA LEU A 260 -8.61 6.73 -25.94
C LEU A 260 -7.46 6.99 -24.99
N LEU A 261 -7.78 7.44 -23.77
CA LEU A 261 -6.76 7.74 -22.77
C LEU A 261 -5.93 6.52 -22.34
N LEU A 262 -6.43 5.31 -22.61
CA LEU A 262 -5.70 4.10 -22.24
C LEU A 262 -4.48 3.87 -23.12
N SER A 263 -4.31 4.71 -24.12
CA SER A 263 -3.18 4.61 -25.04
C SER A 263 -2.30 5.86 -24.92
N SER A 264 -2.63 6.70 -23.95
CA SER A 264 -1.88 7.93 -23.74
C SER A 264 -0.41 7.64 -23.50
N PRO A 265 0.49 8.41 -24.15
CA PRO A 265 1.92 8.19 -23.95
C PRO A 265 2.31 8.45 -22.49
N LYS A 266 1.46 9.17 -21.77
CA LYS A 266 1.70 9.47 -20.36
C LYS A 266 1.25 8.30 -19.47
N GLU A 267 2.20 7.74 -18.74
CA GLU A 267 1.92 6.63 -17.85
C GLU A 267 0.83 6.97 -16.85
N ASN A 268 0.90 8.17 -16.27
CA ASN A 268 -0.09 8.56 -15.27
C ASN A 268 -1.49 8.80 -15.78
N ILE A 269 -1.62 9.04 -17.08
CA ILE A 269 -2.94 9.24 -17.65
C ILE A 269 -3.52 7.84 -17.84
N LYS A 270 -2.70 6.90 -18.29
CA LYS A 270 -3.17 5.53 -18.46
C LYS A 270 -3.60 5.02 -17.09
N LYS A 271 -2.81 5.39 -16.08
CA LYS A 271 -3.07 4.97 -14.71
C LYS A 271 -4.38 5.52 -14.14
N GLU A 272 -4.58 6.83 -14.22
CA GLU A 272 -5.79 7.40 -13.68
C GLU A 272 -6.99 7.01 -14.52
N ALA A 273 -6.72 6.65 -15.78
CA ALA A 273 -7.80 6.21 -16.65
C ALA A 273 -8.27 4.83 -16.13
N CYS A 274 -7.32 3.95 -15.79
CA CYS A 274 -7.64 2.62 -15.25
C CYS A 274 -8.30 2.77 -13.88
N TRP A 275 -7.83 3.74 -13.12
CA TRP A 275 -8.36 4.05 -11.80
C TRP A 275 -9.82 4.51 -11.96
N THR A 276 -10.03 5.41 -12.92
CA THR A 276 -11.36 5.91 -13.19
C THR A 276 -12.27 4.76 -13.59
N ILE A 277 -11.80 3.90 -14.48
CA ILE A 277 -12.60 2.76 -14.89
C ILE A 277 -12.89 1.84 -13.71
N SER A 278 -11.89 1.56 -12.87
CA SER A 278 -12.12 0.69 -11.74
C SER A 278 -13.24 1.23 -10.84
N ASN A 279 -13.40 2.56 -10.78
CA ASN A 279 -14.48 3.12 -9.95
C ASN A 279 -15.82 3.10 -10.65
N ILE A 280 -15.84 2.58 -11.88
CA ILE A 280 -17.08 2.46 -12.58
C ILE A 280 -17.46 0.98 -12.54
N THR A 281 -16.47 0.10 -12.64
CA THR A 281 -16.78 -1.34 -12.59
C THR A 281 -17.09 -1.75 -11.16
N ALA A 282 -16.90 -0.82 -10.23
CA ALA A 282 -17.20 -1.07 -8.82
C ALA A 282 -18.65 -0.71 -8.57
N GLY A 283 -19.38 -0.38 -9.64
CA GLY A 283 -20.77 -0.02 -9.51
C GLY A 283 -21.68 -1.19 -9.86
N ASN A 284 -22.91 -0.92 -10.26
CA ASN A 284 -23.84 -1.99 -10.58
C ASN A 284 -23.52 -2.72 -11.86
N THR A 285 -24.33 -3.73 -12.13
CA THR A 285 -24.20 -4.58 -13.31
C THR A 285 -24.28 -3.83 -14.63
N GLU A 286 -25.24 -2.92 -14.75
CA GLU A 286 -25.40 -2.14 -15.98
C GLU A 286 -24.14 -1.34 -16.27
N GLN A 287 -23.58 -0.75 -15.21
CA GLN A 287 -22.37 0.04 -15.36
C GLN A 287 -21.18 -0.83 -15.78
N ILE A 288 -21.14 -2.07 -15.30
CA ILE A 288 -20.08 -2.97 -15.68
C ILE A 288 -20.29 -3.37 -17.15
N GLN A 289 -21.55 -3.59 -17.51
CA GLN A 289 -21.88 -3.99 -18.88
C GLN A 289 -21.56 -2.84 -19.83
N ALA A 290 -21.72 -1.62 -19.34
CA ALA A 290 -21.42 -0.43 -20.15
C ALA A 290 -19.93 -0.38 -20.44
N VAL A 291 -19.11 -0.66 -19.42
CA VAL A 291 -17.66 -0.65 -19.59
C VAL A 291 -17.30 -1.70 -20.63
N ILE A 292 -17.97 -2.85 -20.56
CA ILE A 292 -17.73 -3.92 -21.52
C ILE A 292 -18.14 -3.49 -22.94
N ASP A 293 -19.36 -2.96 -23.07
CA ASP A 293 -19.87 -2.54 -24.38
C ASP A 293 -19.02 -1.44 -25.04
N ALA A 294 -18.33 -0.66 -24.23
CA ALA A 294 -17.48 0.41 -24.75
C ALA A 294 -16.13 -0.12 -25.22
N ASN A 295 -15.94 -1.44 -25.09
CA ASN A 295 -14.70 -2.11 -25.48
C ASN A 295 -13.47 -1.72 -24.67
N LEU A 296 -13.65 -1.51 -23.38
CA LEU A 296 -12.54 -1.13 -22.50
C LEU A 296 -11.73 -2.31 -21.94
N ILE A 297 -12.30 -3.51 -21.97
CA ILE A 297 -11.58 -4.67 -21.44
C ILE A 297 -10.29 -5.02 -22.17
N PRO A 298 -10.32 -5.11 -23.51
CA PRO A 298 -9.06 -5.45 -24.19
C PRO A 298 -7.87 -4.55 -23.83
N PRO A 299 -8.01 -3.23 -23.95
CA PRO A 299 -6.89 -2.34 -23.63
C PRO A 299 -6.51 -2.46 -22.17
N LEU A 300 -7.50 -2.76 -21.35
CA LEU A 300 -7.35 -2.95 -19.92
C LEU A 300 -6.50 -4.21 -19.66
N VAL A 301 -6.79 -5.27 -20.41
CA VAL A 301 -6.05 -6.52 -20.28
C VAL A 301 -4.61 -6.35 -20.77
N LYS A 302 -4.44 -5.52 -21.78
CA LYS A 302 -3.11 -5.26 -22.32
C LYS A 302 -2.24 -4.51 -21.30
N LEU A 303 -2.82 -3.54 -20.60
CA LEU A 303 -2.07 -2.77 -19.61
C LEU A 303 -1.73 -3.66 -18.42
N LEU A 304 -2.67 -4.54 -18.07
CA LEU A 304 -2.48 -5.45 -16.96
C LEU A 304 -1.23 -6.28 -17.21
N GLU A 305 -0.94 -6.57 -18.48
CA GLU A 305 0.22 -7.36 -18.80
C GLU A 305 1.52 -6.60 -19.03
N VAL A 306 1.46 -5.44 -19.68
CA VAL A 306 2.70 -4.70 -19.97
C VAL A 306 3.01 -3.35 -19.31
N ALA A 307 2.02 -2.71 -18.69
CA ALA A 307 2.23 -1.40 -18.07
C ALA A 307 3.12 -1.40 -16.82
N GLU A 308 3.46 -0.20 -16.34
CA GLU A 308 4.25 -0.08 -15.12
C GLU A 308 3.33 -0.65 -14.03
N TYR A 309 3.93 -1.07 -12.93
CA TYR A 309 3.16 -1.66 -11.85
C TYR A 309 2.03 -0.75 -11.37
N LYS A 310 2.34 0.53 -11.15
CA LYS A 310 1.32 1.46 -10.66
C LYS A 310 0.07 1.50 -11.53
N THR A 311 0.22 1.17 -12.81
CA THR A 311 -0.92 1.17 -13.73
C THR A 311 -1.58 -0.23 -13.72
N LYS A 312 -0.75 -1.27 -13.77
CA LYS A 312 -1.26 -2.65 -13.76
C LYS A 312 -2.18 -2.84 -12.57
N LYS A 313 -1.72 -2.30 -11.45
CA LYS A 313 -2.41 -2.31 -10.18
C LYS A 313 -3.83 -1.75 -10.36
N GLU A 314 -3.91 -0.67 -11.11
CA GLU A 314 -5.18 -0.02 -11.36
C GLU A 314 -6.03 -0.85 -12.32
N ALA A 315 -5.39 -1.44 -13.32
CA ALA A 315 -6.09 -2.29 -14.28
C ALA A 315 -6.65 -3.51 -13.56
N CYS A 316 -5.90 -4.01 -12.58
CA CYS A 316 -6.33 -5.18 -11.82
C CYS A 316 -7.62 -4.89 -11.06
N TRP A 317 -7.68 -3.75 -10.39
CA TRP A 317 -8.89 -3.36 -9.65
C TRP A 317 -10.08 -3.29 -10.60
N ALA A 318 -9.88 -2.65 -11.75
CA ALA A 318 -10.96 -2.51 -12.72
C ALA A 318 -11.50 -3.86 -13.15
N ILE A 319 -10.60 -4.77 -13.50
CA ILE A 319 -11.01 -6.09 -13.94
C ILE A 319 -11.58 -6.90 -12.78
N SER A 320 -10.93 -6.79 -11.62
CA SER A 320 -11.41 -7.54 -10.49
C SER A 320 -12.80 -7.06 -10.09
N ASN A 321 -13.01 -5.75 -10.04
CA ASN A 321 -14.33 -5.24 -9.67
C ASN A 321 -15.38 -5.74 -10.66
N ALA A 322 -15.01 -5.76 -11.94
CA ALA A 322 -15.92 -6.23 -12.97
C ALA A 322 -16.36 -7.67 -12.71
N SER A 323 -15.42 -8.52 -12.31
CA SER A 323 -15.73 -9.93 -12.06
C SER A 323 -16.69 -10.12 -10.90
N SER A 324 -16.72 -9.16 -9.97
CA SER A 324 -17.63 -9.25 -8.84
C SER A 324 -19.06 -9.18 -9.36
N GLY A 325 -19.22 -8.53 -10.51
CA GLY A 325 -20.52 -8.39 -11.13
C GLY A 325 -20.84 -9.64 -11.90
N GLY A 326 -19.86 -10.54 -11.98
CA GLY A 326 -20.04 -11.79 -12.70
C GLY A 326 -21.03 -12.71 -12.01
N LEU A 327 -21.14 -12.57 -10.69
CA LEU A 327 -22.06 -13.39 -9.90
C LEU A 327 -23.46 -13.26 -10.50
N GLN A 328 -23.88 -12.02 -10.70
CA GLN A 328 -25.20 -11.74 -11.27
C GLN A 328 -25.25 -12.19 -12.73
N ARG A 329 -24.46 -11.57 -13.59
CA ARG A 329 -24.43 -11.94 -15.00
C ARG A 329 -23.18 -12.76 -15.29
N PRO A 330 -23.29 -14.10 -15.21
CA PRO A 330 -22.15 -14.98 -15.48
C PRO A 330 -21.44 -14.72 -16.80
N ASP A 331 -22.10 -14.04 -17.73
CA ASP A 331 -21.48 -13.75 -19.02
C ASP A 331 -20.43 -12.66 -18.93
N ILE A 332 -20.44 -11.90 -17.84
CA ILE A 332 -19.42 -10.88 -17.65
C ILE A 332 -18.12 -11.64 -17.43
N ILE A 333 -18.16 -12.64 -16.56
CA ILE A 333 -16.98 -13.47 -16.27
C ILE A 333 -16.53 -14.19 -17.53
N ARG A 334 -17.47 -14.85 -18.21
CA ARG A 334 -17.13 -15.55 -19.42
C ARG A 334 -16.46 -14.59 -20.43
N TYR A 335 -16.96 -13.37 -20.52
CA TYR A 335 -16.36 -12.39 -21.43
C TYR A 335 -14.95 -12.01 -20.98
N LEU A 336 -14.80 -11.73 -19.69
CA LEU A 336 -13.48 -11.37 -19.17
C LEU A 336 -12.46 -12.46 -19.50
N VAL A 337 -12.84 -13.71 -19.26
CA VAL A 337 -11.94 -14.84 -19.55
C VAL A 337 -11.65 -14.89 -21.05
N SER A 338 -12.65 -14.58 -21.87
CA SER A 338 -12.47 -14.63 -23.32
C SER A 338 -11.46 -13.61 -23.80
N GLN A 339 -11.31 -12.51 -23.05
CA GLN A 339 -10.36 -11.48 -23.44
C GLN A 339 -8.96 -11.75 -22.88
N GLY A 340 -8.79 -12.94 -22.31
CA GLY A 340 -7.49 -13.35 -21.80
C GLY A 340 -6.97 -12.66 -20.55
N CYS A 341 -7.86 -12.39 -19.60
CA CYS A 341 -7.48 -11.73 -18.36
C CYS A 341 -6.81 -12.69 -17.38
N ILE A 342 -7.04 -13.99 -17.54
CA ILE A 342 -6.47 -14.99 -16.65
C ILE A 342 -4.94 -14.96 -16.53
N LYS A 343 -4.24 -15.12 -17.65
CA LYS A 343 -2.78 -15.12 -17.66
C LYS A 343 -2.14 -13.89 -17.01
N PRO A 344 -2.54 -12.67 -17.41
CA PRO A 344 -1.95 -11.45 -16.82
C PRO A 344 -2.24 -11.35 -15.33
N LEU A 345 -3.40 -11.86 -14.94
CA LEU A 345 -3.84 -11.86 -13.55
C LEU A 345 -2.94 -12.78 -12.70
N CYS A 346 -2.65 -13.98 -13.23
CA CYS A 346 -1.77 -14.92 -12.52
C CYS A 346 -0.36 -14.37 -12.34
N ASP A 347 0.20 -13.86 -13.43
CA ASP A 347 1.55 -13.30 -13.42
C ASP A 347 1.65 -12.15 -12.41
N LEU A 348 0.57 -11.37 -12.29
CA LEU A 348 0.57 -10.24 -11.39
C LEU A 348 0.92 -10.71 -9.97
N LEU A 349 0.42 -11.89 -9.61
CA LEU A 349 0.67 -12.46 -8.29
C LEU A 349 2.15 -12.50 -7.88
N GLU A 350 3.02 -12.65 -8.86
CA GLU A 350 4.45 -12.75 -8.60
C GLU A 350 5.09 -11.43 -8.19
N ILE A 351 4.51 -10.32 -8.62
CA ILE A 351 5.08 -9.02 -8.31
C ILE A 351 4.21 -8.09 -7.48
N ALA A 352 2.98 -8.47 -7.22
CA ALA A 352 2.06 -7.61 -6.48
C ALA A 352 2.25 -7.53 -4.97
N ASP A 353 1.85 -6.37 -4.41
CA ASP A 353 1.90 -6.12 -2.97
C ASP A 353 0.68 -6.84 -2.41
N ASN A 354 0.60 -7.03 -1.09
CA ASN A 354 -0.53 -7.78 -0.52
C ASN A 354 -1.95 -7.33 -0.83
N ARG A 355 -2.20 -6.02 -0.90
CA ARG A 355 -3.56 -5.60 -1.19
C ARG A 355 -3.94 -6.01 -2.61
N ILE A 356 -3.00 -5.89 -3.56
CA ILE A 356 -3.27 -6.26 -4.94
C ILE A 356 -3.36 -7.78 -5.07
N ILE A 357 -2.58 -8.50 -4.28
CA ILE A 357 -2.66 -9.96 -4.32
C ILE A 357 -4.08 -10.37 -3.92
N GLU A 358 -4.62 -9.68 -2.91
CA GLU A 358 -5.97 -9.97 -2.46
C GLU A 358 -6.97 -9.68 -3.58
N VAL A 359 -6.79 -8.54 -4.23
CA VAL A 359 -7.65 -8.14 -5.33
C VAL A 359 -7.57 -9.18 -6.45
N THR A 360 -6.35 -9.61 -6.75
CA THR A 360 -6.13 -10.58 -7.79
C THR A 360 -6.75 -11.94 -7.44
N LEU A 361 -6.58 -12.37 -6.19
CA LEU A 361 -7.14 -13.66 -5.78
C LEU A 361 -8.65 -13.66 -5.79
N ASP A 362 -9.27 -12.49 -5.69
CA ASP A 362 -10.73 -12.42 -5.73
C ASP A 362 -11.16 -12.55 -7.18
N ALA A 363 -10.43 -11.86 -8.05
CA ALA A 363 -10.74 -11.92 -9.48
C ALA A 363 -10.64 -13.37 -9.90
N LEU A 364 -9.52 -14.00 -9.56
CA LEU A 364 -9.29 -15.40 -9.89
C LEU A 364 -10.32 -16.34 -9.28
N GLU A 365 -10.74 -16.06 -8.05
CA GLU A 365 -11.74 -16.90 -7.42
C GLU A 365 -13.11 -16.71 -8.05
N ASN A 366 -13.41 -15.52 -8.56
CA ASN A 366 -14.70 -15.32 -9.21
C ASN A 366 -14.68 -16.09 -10.51
N ILE A 367 -13.60 -15.88 -11.28
CA ILE A 367 -13.45 -16.57 -12.56
C ILE A 367 -13.55 -18.07 -12.33
N LEU A 368 -12.88 -18.54 -11.29
CA LEU A 368 -12.85 -19.95 -10.97
C LEU A 368 -14.24 -20.47 -10.58
N LYS A 369 -15.00 -19.67 -9.82
CA LYS A 369 -16.34 -20.05 -9.41
C LYS A 369 -17.25 -20.20 -10.63
N MET A 370 -17.07 -19.29 -11.59
CA MET A 370 -17.84 -19.30 -12.83
C MET A 370 -17.53 -20.58 -13.61
N GLY A 371 -16.25 -20.88 -13.80
CA GLY A 371 -15.89 -22.08 -14.52
C GLY A 371 -16.44 -23.32 -13.84
N GLU A 372 -16.63 -23.22 -12.53
CA GLU A 372 -17.15 -24.34 -11.74
C GLU A 372 -18.65 -24.50 -11.96
N ALA A 373 -19.38 -23.39 -11.91
CA ALA A 373 -20.82 -23.39 -12.11
C ALA A 373 -21.18 -23.94 -13.49
N ASP A 374 -20.53 -23.44 -14.53
CA ASP A 374 -20.81 -23.89 -15.89
C ASP A 374 -20.46 -25.37 -16.08
N LYS A 375 -19.41 -25.84 -15.41
CA LYS A 375 -19.01 -27.24 -15.52
C LYS A 375 -20.13 -28.10 -14.97
N GLU A 376 -20.90 -27.49 -14.07
CA GLU A 376 -22.01 -28.14 -13.38
C GLU A 376 -23.28 -28.05 -14.22
N ALA A 377 -23.57 -26.86 -14.74
CA ALA A 377 -24.75 -26.63 -15.58
C ALA A 377 -24.63 -27.51 -16.83
N ARG A 378 -23.41 -27.96 -17.08
CA ARG A 378 -23.11 -28.82 -18.20
C ARG A 378 -22.57 -30.11 -17.57
N GLY A 379 -22.46 -31.17 -18.37
CA GLY A 379 -21.97 -32.41 -17.84
C GLY A 379 -20.46 -32.47 -17.78
N LEU A 380 -19.81 -31.38 -18.18
CA LEU A 380 -18.36 -31.33 -18.19
C LEU A 380 -17.74 -31.92 -16.92
N ASN A 381 -16.59 -32.55 -17.06
CA ASN A 381 -15.90 -33.14 -15.92
C ASN A 381 -14.58 -32.41 -15.76
N ILE A 382 -14.60 -31.11 -16.04
CA ILE A 382 -13.45 -30.24 -15.95
C ILE A 382 -13.84 -28.77 -15.80
N ASN A 383 -13.11 -28.04 -14.96
CA ASN A 383 -13.36 -26.62 -14.75
C ASN A 383 -12.42 -25.89 -15.72
N GLU A 384 -12.92 -25.59 -16.90
CA GLU A 384 -12.13 -24.91 -17.93
C GLU A 384 -11.25 -23.79 -17.40
N ASN A 385 -11.81 -22.94 -16.54
CA ASN A 385 -11.05 -21.82 -16.00
C ASN A 385 -9.91 -22.28 -15.12
N ALA A 386 -10.16 -23.31 -14.31
CA ALA A 386 -9.13 -23.86 -13.44
C ALA A 386 -7.99 -24.37 -14.33
N ASP A 387 -8.35 -24.94 -15.48
CA ASP A 387 -7.36 -25.48 -16.39
C ASP A 387 -6.59 -24.34 -17.07
N PHE A 388 -7.28 -23.24 -17.38
CA PHE A 388 -6.64 -22.08 -17.99
C PHE A 388 -5.62 -21.52 -16.99
N ILE A 389 -6.05 -21.39 -15.75
CA ILE A 389 -5.19 -20.88 -14.69
C ILE A 389 -3.99 -21.80 -14.52
N GLU A 390 -4.24 -23.11 -14.50
CA GLU A 390 -3.16 -24.07 -14.33
C GLU A 390 -2.18 -23.96 -15.50
N LYS A 391 -2.71 -23.73 -16.69
CA LYS A 391 -1.88 -23.59 -17.89
C LYS A 391 -1.02 -22.33 -17.82
N ALA A 392 -1.61 -21.24 -17.30
CA ALA A 392 -0.90 -19.97 -17.18
C ALA A 392 0.20 -19.97 -16.14
N GLY A 393 0.24 -21.00 -15.29
CA GLY A 393 1.27 -21.07 -14.26
C GLY A 393 0.81 -20.39 -12.99
N GLY A 394 -0.48 -20.05 -12.94
CA GLY A 394 -1.05 -19.39 -11.77
C GLY A 394 -1.37 -20.33 -10.64
N MET A 395 -1.39 -21.63 -10.94
CA MET A 395 -1.66 -22.63 -9.93
C MET A 395 -0.52 -22.59 -8.91
N GLU A 396 0.70 -22.71 -9.41
CA GLU A 396 1.87 -22.66 -8.54
C GLU A 396 1.97 -21.34 -7.78
N LYS A 397 1.67 -20.24 -8.46
CA LYS A 397 1.74 -18.93 -7.84
C LYS A 397 0.72 -18.82 -6.73
N ILE A 398 -0.48 -19.33 -6.98
CA ILE A 398 -1.51 -19.30 -5.96
C ILE A 398 -1.00 -20.16 -4.79
N PHE A 399 -0.41 -21.30 -5.12
CA PHE A 399 0.13 -22.20 -4.11
C PHE A 399 1.11 -21.45 -3.22
N ASN A 400 2.03 -20.71 -3.84
CA ASN A 400 3.04 -19.94 -3.11
C ASN A 400 2.43 -18.95 -2.11
N CYS A 401 1.28 -18.39 -2.46
CA CYS A 401 0.63 -17.43 -1.59
C CYS A 401 0.24 -18.01 -0.24
N GLN A 402 0.23 -19.35 -0.14
CA GLN A 402 -0.13 -20.02 1.11
C GLN A 402 0.91 -19.68 2.18
N GLN A 403 2.07 -19.18 1.78
CA GLN A 403 3.10 -18.83 2.75
C GLN A 403 3.19 -17.33 2.96
N ASN A 404 2.16 -16.61 2.55
CA ASN A 404 2.15 -15.16 2.74
C ASN A 404 1.82 -14.94 4.21
N GLU A 405 2.34 -13.88 4.80
CA GLU A 405 2.11 -13.61 6.22
C GLU A 405 0.69 -13.12 6.49
N ASN A 406 0.05 -12.57 5.46
CA ASN A 406 -1.31 -12.03 5.57
C ASN A 406 -2.34 -13.16 5.62
N ASP A 407 -3.11 -13.18 6.71
CA ASP A 407 -4.14 -14.18 6.95
C ASP A 407 -5.15 -14.32 5.81
N LYS A 408 -5.78 -13.20 5.44
CA LYS A 408 -6.77 -13.23 4.37
C LYS A 408 -6.22 -13.80 3.06
N ILE A 409 -4.91 -13.60 2.84
CA ILE A 409 -4.27 -14.11 1.64
C ILE A 409 -4.01 -15.62 1.69
N TYR A 410 -3.23 -16.09 2.66
CA TYR A 410 -2.95 -17.52 2.69
C TYR A 410 -4.19 -18.39 2.86
N GLU A 411 -5.19 -17.90 3.59
CA GLU A 411 -6.43 -18.66 3.75
C GLU A 411 -7.04 -18.80 2.36
N LYS A 412 -7.11 -17.66 1.68
CA LYS A 412 -7.64 -17.58 0.32
C LYS A 412 -6.92 -18.59 -0.57
N ALA A 413 -5.58 -18.60 -0.48
CA ALA A 413 -4.76 -19.50 -1.29
C ALA A 413 -5.07 -20.97 -1.00
N TYR A 414 -5.02 -21.36 0.28
CA TYR A 414 -5.33 -22.75 0.65
C TYR A 414 -6.72 -23.10 0.17
N LYS A 415 -7.67 -22.19 0.37
CA LYS A 415 -9.05 -22.42 -0.04
C LYS A 415 -9.13 -22.68 -1.54
N ILE A 416 -8.47 -21.86 -2.32
CA ILE A 416 -8.48 -22.01 -3.77
C ILE A 416 -7.86 -23.33 -4.22
N ILE A 417 -6.62 -23.58 -3.81
CA ILE A 417 -5.92 -24.81 -4.17
C ILE A 417 -6.73 -26.05 -3.80
N GLU A 418 -7.27 -26.07 -2.59
CA GLU A 418 -8.04 -27.22 -2.13
C GLU A 418 -9.29 -27.39 -2.99
N THR A 419 -10.07 -26.32 -3.09
CA THR A 419 -11.31 -26.30 -3.84
C THR A 419 -11.27 -26.52 -5.35
N TYR A 420 -10.23 -26.03 -6.03
CA TYR A 420 -10.18 -26.20 -7.49
C TYR A 420 -8.99 -26.94 -8.07
N PHE A 421 -7.98 -27.24 -7.26
CA PHE A 421 -6.84 -27.96 -7.79
C PHE A 421 -6.51 -29.21 -7.00
N GLY A 422 -7.56 -29.93 -6.59
CA GLY A 422 -7.39 -31.15 -5.84
C GLY A 422 -7.78 -32.37 -6.65
N LEU B 1 -20.99 -51.43 0.70
CA LEU B 1 -21.08 -50.50 1.81
C LEU B 1 -22.18 -50.85 2.81
N PRO B 2 -23.34 -51.29 2.31
CA PRO B 2 -24.42 -51.64 3.26
C PRO B 2 -23.96 -52.82 4.14
N GLN B 3 -23.25 -53.76 3.52
CA GLN B 3 -22.74 -54.95 4.20
C GLN B 3 -21.71 -54.61 5.27
N MET B 4 -20.76 -53.75 4.92
CA MET B 4 -19.73 -53.33 5.87
C MET B 4 -20.36 -52.57 7.03
N THR B 5 -21.25 -51.64 6.70
CA THR B 5 -21.92 -50.84 7.70
C THR B 5 -22.58 -51.74 8.73
N GLN B 6 -23.00 -52.92 8.29
CA GLN B 6 -23.64 -53.88 9.20
C GLN B 6 -22.63 -54.47 10.16
N GLN B 7 -21.56 -55.05 9.62
CA GLN B 7 -20.51 -55.62 10.45
C GLN B 7 -20.07 -54.61 11.51
N LEU B 8 -19.79 -53.40 11.05
CA LEU B 8 -19.34 -52.34 11.94
C LEU B 8 -20.25 -52.17 13.15
N ASN B 9 -21.56 -52.22 12.91
CA ASN B 9 -22.52 -52.06 13.99
C ASN B 9 -22.74 -53.33 14.78
N SER B 10 -22.03 -54.38 14.41
CA SER B 10 -22.15 -55.63 15.12
C SER B 10 -21.57 -55.47 16.52
N ASP B 11 -21.95 -56.35 17.45
CA ASP B 11 -21.47 -56.28 18.80
C ASP B 11 -20.28 -57.25 18.94
N ASP B 12 -20.01 -57.99 17.87
CA ASP B 12 -18.94 -58.96 17.84
C ASP B 12 -17.63 -58.20 17.58
N MET B 13 -16.81 -58.09 18.62
CA MET B 13 -15.52 -57.41 18.54
C MET B 13 -14.79 -57.81 17.25
N GLN B 14 -14.61 -59.10 17.08
CA GLN B 14 -13.93 -59.64 15.92
C GLN B 14 -14.55 -59.16 14.62
N GLU B 15 -15.87 -59.00 14.61
CA GLU B 15 -16.55 -58.55 13.39
C GLU B 15 -16.39 -57.04 13.20
N GLN B 16 -16.39 -56.29 14.30
CA GLN B 16 -16.21 -54.84 14.25
C GLN B 16 -14.84 -54.54 13.64
N LEU B 17 -13.83 -55.25 14.14
CA LEU B 17 -12.46 -55.09 13.67
C LEU B 17 -12.38 -55.39 12.18
N SER B 18 -13.05 -56.46 11.76
CA SER B 18 -13.08 -56.87 10.37
C SER B 18 -13.63 -55.75 9.48
N ALA B 19 -14.68 -55.09 9.97
CA ALA B 19 -15.34 -54.02 9.24
C ALA B 19 -14.52 -52.73 9.20
N THR B 20 -13.96 -52.35 10.34
CA THR B 20 -13.15 -51.13 10.42
C THR B 20 -11.94 -51.24 9.50
N VAL B 21 -11.32 -52.41 9.44
CA VAL B 21 -10.17 -52.62 8.58
C VAL B 21 -10.58 -52.29 7.14
N LYS B 22 -11.77 -52.77 6.78
CA LYS B 22 -12.32 -52.54 5.44
C LYS B 22 -12.54 -51.06 5.17
N PHE B 23 -13.23 -50.36 6.08
CA PHE B 23 -13.44 -48.93 5.89
C PHE B 23 -12.11 -48.18 5.82
N ARG B 24 -11.11 -48.68 6.54
CA ARG B 24 -9.79 -48.06 6.53
C ARG B 24 -9.12 -48.22 5.17
N GLN B 25 -9.25 -49.40 4.58
CA GLN B 25 -8.65 -49.71 3.29
C GLN B 25 -9.24 -48.93 2.12
N ILE B 26 -10.56 -48.74 2.10
CA ILE B 26 -11.16 -47.99 1.01
C ILE B 26 -10.84 -46.52 1.18
N LEU B 27 -10.77 -46.06 2.42
CA LEU B 27 -10.45 -44.66 2.69
C LEU B 27 -8.97 -44.40 2.45
N SER B 28 -8.21 -45.46 2.19
CA SER B 28 -6.78 -45.33 1.92
C SER B 28 -6.44 -45.27 0.44
N ARG B 29 -7.46 -45.34 -0.41
CA ARG B 29 -7.26 -45.27 -1.86
C ARG B 29 -6.52 -43.99 -2.19
N GLU B 30 -5.52 -44.09 -3.08
CA GLU B 30 -4.74 -42.94 -3.50
C GLU B 30 -5.47 -42.15 -4.58
N HIS B 31 -6.31 -42.85 -5.34
CA HIS B 31 -7.08 -42.23 -6.42
C HIS B 31 -8.03 -41.18 -5.86
N ARG B 32 -9.25 -41.61 -5.55
CA ARG B 32 -10.26 -40.74 -4.99
C ARG B 32 -11.07 -41.58 -4.01
N PRO B 33 -10.62 -41.64 -2.75
CA PRO B 33 -11.31 -42.40 -1.71
C PRO B 33 -12.75 -41.92 -1.53
N PRO B 34 -13.71 -42.85 -1.58
CA PRO B 34 -15.14 -42.59 -1.41
C PRO B 34 -15.48 -42.06 -0.03
N ILE B 35 -14.79 -41.00 0.38
CA ILE B 35 -14.99 -40.39 1.68
C ILE B 35 -16.42 -39.97 1.93
N ASP B 36 -16.99 -39.24 0.96
CA ASP B 36 -18.35 -38.74 1.08
C ASP B 36 -19.40 -39.84 1.23
N VAL B 37 -19.23 -40.96 0.53
CA VAL B 37 -20.20 -42.05 0.63
C VAL B 37 -20.08 -42.70 2.00
N VAL B 38 -18.84 -42.75 2.51
CA VAL B 38 -18.59 -43.33 3.82
C VAL B 38 -19.30 -42.47 4.85
N ILE B 39 -19.23 -41.16 4.67
CA ILE B 39 -19.89 -40.24 5.58
C ILE B 39 -21.39 -40.40 5.38
N GLN B 40 -21.77 -40.65 4.13
CA GLN B 40 -23.18 -40.83 3.77
C GLN B 40 -23.73 -42.14 4.34
N ALA B 41 -22.83 -43.05 4.68
CA ALA B 41 -23.22 -44.34 5.26
C ALA B 41 -23.45 -44.19 6.77
N GLY B 42 -23.12 -43.02 7.30
CA GLY B 42 -23.33 -42.75 8.72
C GLY B 42 -22.47 -43.51 9.72
N VAL B 43 -21.37 -44.10 9.26
CA VAL B 43 -20.50 -44.88 10.13
C VAL B 43 -19.42 -44.10 10.87
N VAL B 44 -19.43 -42.77 10.75
CA VAL B 44 -18.41 -41.98 11.42
C VAL B 44 -18.48 -42.08 12.95
N PRO B 45 -19.60 -41.68 13.56
CA PRO B 45 -19.72 -41.75 15.01
C PRO B 45 -19.38 -43.12 15.61
N ARG B 46 -19.63 -44.18 14.83
CA ARG B 46 -19.32 -45.55 15.26
C ARG B 46 -17.81 -45.75 15.32
N LEU B 47 -17.12 -45.30 14.26
CA LEU B 47 -15.67 -45.42 14.20
C LEU B 47 -15.09 -44.63 15.36
N VAL B 48 -15.74 -43.53 15.72
CA VAL B 48 -15.27 -42.71 16.84
C VAL B 48 -15.36 -43.52 18.12
N GLU B 49 -16.42 -44.31 18.24
CA GLU B 49 -16.60 -45.16 19.41
C GLU B 49 -15.39 -46.05 19.61
N PHE B 50 -14.88 -46.62 18.52
CA PHE B 50 -13.75 -47.52 18.58
C PHE B 50 -12.41 -46.92 19.03
N MET B 51 -12.37 -45.61 19.24
CA MET B 51 -11.13 -44.98 19.71
C MET B 51 -11.17 -44.73 21.21
N ARG B 52 -12.27 -45.15 21.84
CA ARG B 52 -12.43 -44.98 23.28
C ARG B 52 -11.39 -45.72 24.10
N GLU B 53 -11.12 -45.15 25.27
CA GLU B 53 -10.16 -45.62 26.25
C GLU B 53 -9.93 -47.12 26.39
N ASN B 54 -11.01 -47.89 26.51
CA ASN B 54 -10.84 -49.33 26.72
C ASN B 54 -11.05 -50.26 25.53
N GLN B 55 -10.90 -49.74 24.33
CA GLN B 55 -11.03 -50.55 23.12
C GLN B 55 -9.67 -51.17 22.83
N PRO B 56 -9.64 -52.32 22.13
CA PRO B 56 -8.37 -52.96 21.81
C PRO B 56 -7.55 -51.99 20.95
N GLU B 57 -6.24 -51.97 21.15
CA GLU B 57 -5.41 -51.05 20.39
C GLU B 57 -5.51 -51.23 18.89
N MET B 58 -5.63 -52.46 18.43
CA MET B 58 -5.73 -52.70 17.00
C MET B 58 -6.98 -52.03 16.47
N LEU B 59 -8.07 -52.14 17.22
CA LEU B 59 -9.33 -51.53 16.80
C LEU B 59 -9.19 -50.01 16.80
N GLN B 60 -8.45 -49.52 17.77
CA GLN B 60 -8.21 -48.07 17.93
C GLN B 60 -7.40 -47.53 16.76
N LEU B 61 -6.37 -48.25 16.39
CA LEU B 61 -5.50 -47.83 15.28
C LEU B 61 -6.27 -47.84 13.96
N GLU B 62 -7.01 -48.91 13.71
CA GLU B 62 -7.79 -49.03 12.49
C GLU B 62 -8.86 -47.95 12.38
N ALA B 63 -9.56 -47.67 13.50
CA ALA B 63 -10.61 -46.66 13.50
C ALA B 63 -10.04 -45.26 13.34
N ALA B 64 -8.96 -44.97 14.06
CA ALA B 64 -8.32 -43.66 13.99
C ALA B 64 -7.74 -43.45 12.60
N TRP B 65 -7.15 -44.49 12.04
CA TRP B 65 -6.55 -44.43 10.71
C TRP B 65 -7.66 -44.03 9.73
N ALA B 66 -8.76 -44.77 9.76
CA ALA B 66 -9.91 -44.52 8.89
C ALA B 66 -10.46 -43.10 9.06
N LEU B 67 -10.63 -42.67 10.29
CA LEU B 67 -11.16 -41.33 10.57
C LEU B 67 -10.17 -40.23 10.17
N THR B 68 -8.89 -40.57 10.21
CA THR B 68 -7.84 -39.62 9.84
C THR B 68 -7.84 -39.41 8.33
N ASN B 69 -8.07 -40.46 7.56
CA ASN B 69 -8.12 -40.32 6.10
C ASN B 69 -9.26 -39.38 5.76
N ILE B 70 -10.29 -39.39 6.61
CA ILE B 70 -11.43 -38.53 6.41
C ILE B 70 -11.14 -37.10 6.86
N ALA B 71 -10.60 -36.98 8.07
CA ALA B 71 -10.28 -35.65 8.61
C ALA B 71 -9.22 -34.91 7.81
N SER B 72 -8.47 -35.62 6.97
CA SER B 72 -7.44 -34.98 6.17
C SER B 72 -7.93 -34.69 4.75
N GLY B 73 -9.24 -34.80 4.56
CA GLY B 73 -9.84 -34.53 3.26
C GLY B 73 -10.20 -33.06 3.18
N THR B 74 -11.32 -32.74 2.55
CA THR B 74 -11.74 -31.35 2.42
C THR B 74 -12.17 -30.81 3.78
N SER B 75 -12.37 -29.50 3.85
CA SER B 75 -12.79 -28.86 5.09
C SER B 75 -14.12 -29.45 5.54
N ALA B 76 -15.01 -29.70 4.59
CA ALA B 76 -16.33 -30.25 4.91
C ALA B 76 -16.15 -31.60 5.58
N GLN B 77 -15.34 -32.45 4.96
CA GLN B 77 -15.07 -33.78 5.47
C GLN B 77 -14.45 -33.70 6.87
N THR B 78 -13.61 -32.69 7.09
CA THR B 78 -12.98 -32.49 8.40
C THR B 78 -14.04 -32.14 9.45
N LYS B 79 -15.01 -31.32 9.06
CA LYS B 79 -16.06 -30.91 9.99
C LYS B 79 -16.84 -32.11 10.52
N VAL B 80 -17.13 -33.06 9.65
CA VAL B 80 -17.86 -34.27 10.03
C VAL B 80 -17.17 -34.95 11.20
N VAL B 81 -15.90 -35.28 11.00
CA VAL B 81 -15.11 -35.93 12.03
C VAL B 81 -15.07 -35.10 13.31
N VAL B 82 -14.83 -33.80 13.17
CA VAL B 82 -14.78 -32.92 14.32
C VAL B 82 -16.11 -32.99 15.06
N ASP B 83 -17.20 -32.85 14.33
CA ASP B 83 -18.53 -32.88 14.93
C ASP B 83 -18.85 -34.19 15.65
N ALA B 84 -18.24 -35.28 15.22
CA ALA B 84 -18.47 -36.58 15.85
C ALA B 84 -17.68 -36.63 17.17
N ASP B 85 -17.10 -35.48 17.53
CA ASP B 85 -16.33 -35.32 18.76
C ASP B 85 -15.15 -36.30 18.85
N ALA B 86 -14.42 -36.41 17.76
CA ALA B 86 -13.26 -37.31 17.67
C ALA B 86 -11.99 -36.70 18.26
N VAL B 87 -11.89 -35.38 18.23
CA VAL B 87 -10.74 -34.66 18.73
C VAL B 87 -10.31 -35.06 20.15
N PRO B 88 -11.25 -35.02 21.11
CA PRO B 88 -10.87 -35.42 22.47
C PRO B 88 -10.28 -36.84 22.55
N LEU B 89 -10.80 -37.75 21.73
CA LEU B 89 -10.31 -39.14 21.72
C LEU B 89 -8.94 -39.26 21.03
N PHE B 90 -8.75 -38.52 19.94
CA PHE B 90 -7.46 -38.52 19.24
C PHE B 90 -6.39 -38.08 20.25
N ILE B 91 -6.74 -37.08 21.06
CA ILE B 91 -5.82 -36.54 22.05
C ILE B 91 -5.44 -37.51 23.16
N GLN B 92 -6.38 -38.30 23.64
CA GLN B 92 -6.01 -39.24 24.70
C GLN B 92 -5.18 -40.36 24.07
N LEU B 93 -5.41 -40.63 22.79
CA LEU B 93 -4.65 -41.65 22.10
C LEU B 93 -3.20 -41.19 21.97
N LEU B 94 -2.97 -39.87 21.99
CA LEU B 94 -1.61 -39.34 21.89
C LEU B 94 -0.83 -39.77 23.13
N TYR B 95 -1.53 -39.93 24.26
CA TYR B 95 -0.89 -40.37 25.49
C TYR B 95 -0.67 -41.87 25.49
N THR B 96 -1.75 -42.59 25.22
CA THR B 96 -1.79 -44.05 25.24
C THR B 96 -1.22 -44.81 24.07
N GLY B 97 -1.69 -44.45 22.89
CA GLY B 97 -1.30 -45.13 21.68
C GLY B 97 0.13 -45.59 21.46
N SER B 98 0.24 -46.56 20.56
CA SER B 98 1.51 -47.10 20.14
C SER B 98 1.97 -46.06 19.10
N VAL B 99 3.21 -46.19 18.64
CA VAL B 99 3.73 -45.26 17.65
C VAL B 99 2.74 -45.16 16.48
N GLU B 100 2.27 -46.30 16.00
CA GLU B 100 1.33 -46.33 14.89
C GLU B 100 0.05 -45.55 15.17
N VAL B 101 -0.53 -45.75 16.34
CA VAL B 101 -1.74 -45.04 16.69
C VAL B 101 -1.46 -43.55 16.80
N LYS B 102 -0.30 -43.21 17.36
CA LYS B 102 0.08 -41.81 17.52
C LYS B 102 0.25 -41.10 16.19
N GLU B 103 0.77 -41.83 15.20
CA GLU B 103 1.00 -41.24 13.89
C GLU B 103 -0.30 -40.84 13.20
N GLN B 104 -1.39 -41.53 13.49
CA GLN B 104 -2.66 -41.19 12.87
C GLN B 104 -3.28 -40.02 13.62
N ALA B 105 -3.31 -40.12 14.94
CA ALA B 105 -3.89 -39.07 15.77
C ALA B 105 -3.25 -37.71 15.53
N ILE B 106 -1.92 -37.66 15.52
CA ILE B 106 -1.25 -36.39 15.33
C ILE B 106 -1.51 -35.81 13.95
N TRP B 107 -1.58 -36.68 12.94
CA TRP B 107 -1.86 -36.23 11.57
C TRP B 107 -3.26 -35.63 11.53
N ALA B 108 -4.23 -36.36 12.06
CA ALA B 108 -5.62 -35.90 12.08
C ALA B 108 -5.77 -34.61 12.87
N LEU B 109 -5.09 -34.52 14.00
CA LEU B 109 -5.16 -33.31 14.82
C LEU B 109 -4.52 -32.13 14.10
N GLY B 110 -3.49 -32.43 13.31
CA GLY B 110 -2.80 -31.39 12.56
C GLY B 110 -3.72 -30.81 11.52
N ASN B 111 -4.48 -31.67 10.85
CA ASN B 111 -5.42 -31.23 9.83
C ASN B 111 -6.59 -30.45 10.42
N VAL B 112 -7.02 -30.83 11.62
CA VAL B 112 -8.12 -30.10 12.25
C VAL B 112 -7.58 -28.74 12.65
N ALA B 113 -6.39 -28.72 13.23
CA ALA B 113 -5.78 -27.46 13.67
C ALA B 113 -5.49 -26.51 12.51
N GLY B 114 -5.16 -27.07 11.35
CA GLY B 114 -4.85 -26.24 10.19
C GLY B 114 -6.04 -25.91 9.30
N ASP B 115 -7.23 -26.34 9.73
CA ASP B 115 -8.45 -26.10 8.95
C ASP B 115 -8.89 -24.64 9.04
N SER B 116 -8.92 -24.12 10.26
CA SER B 116 -9.36 -22.75 10.47
C SER B 116 -8.89 -22.30 11.84
N THR B 117 -9.07 -21.00 12.11
CA THR B 117 -8.66 -20.45 13.38
C THR B 117 -9.51 -20.95 14.53
N ASP B 118 -10.80 -21.20 14.28
CA ASP B 118 -11.67 -21.68 15.34
C ASP B 118 -11.37 -23.12 15.71
N TYR B 119 -11.00 -23.93 14.72
CA TYR B 119 -10.63 -25.32 15.00
C TYR B 119 -9.27 -25.30 15.70
N ARG B 120 -8.42 -24.39 15.27
CA ARG B 120 -7.10 -24.24 15.87
C ARG B 120 -7.30 -24.06 17.37
N ASP B 121 -8.19 -23.14 17.72
CA ASP B 121 -8.46 -22.86 19.12
C ASP B 121 -9.17 -24.03 19.80
N TYR B 122 -10.07 -24.69 19.07
CA TYR B 122 -10.78 -25.83 19.62
C TYR B 122 -9.76 -26.85 20.10
N VAL B 123 -8.85 -27.24 19.20
CA VAL B 123 -7.80 -28.21 19.53
C VAL B 123 -6.96 -27.78 20.72
N LEU B 124 -6.59 -26.51 20.76
CA LEU B 124 -5.79 -25.99 21.87
C LEU B 124 -6.53 -26.09 23.19
N GLN B 125 -7.83 -25.82 23.16
CA GLN B 125 -8.64 -25.88 24.37
C GLN B 125 -8.98 -27.31 24.79
N CYS B 126 -8.86 -28.26 23.85
CA CYS B 126 -9.10 -29.65 24.18
C CYS B 126 -7.83 -30.14 24.89
N ASN B 127 -6.90 -29.22 25.08
CA ASN B 127 -5.63 -29.50 25.75
C ASN B 127 -4.73 -30.51 25.04
N ALA B 128 -4.56 -30.32 23.74
CA ALA B 128 -3.73 -31.21 22.94
C ALA B 128 -2.24 -30.90 23.11
N MET B 129 -1.93 -29.71 23.59
CA MET B 129 -0.54 -29.32 23.72
C MET B 129 0.32 -30.25 24.57
N GLU B 130 -0.21 -30.70 25.70
CA GLU B 130 0.57 -31.59 26.56
C GLU B 130 0.92 -32.88 25.84
N PRO B 131 -0.09 -33.67 25.43
CA PRO B 131 0.24 -34.92 24.74
C PRO B 131 1.10 -34.70 23.48
N ILE B 132 0.85 -33.59 22.78
CA ILE B 132 1.61 -33.29 21.58
C ILE B 132 3.08 -33.06 21.91
N LEU B 133 3.37 -32.31 22.97
CA LEU B 133 4.75 -32.08 23.36
C LEU B 133 5.47 -33.35 23.81
N GLY B 134 4.71 -34.35 24.26
CA GLY B 134 5.32 -35.59 24.70
C GLY B 134 5.80 -36.47 23.57
N LEU B 135 5.29 -36.21 22.37
CA LEU B 135 5.66 -36.99 21.20
C LEU B 135 7.12 -36.81 20.83
N PHE B 136 7.70 -35.68 21.23
CA PHE B 136 9.07 -35.39 20.88
C PHE B 136 10.10 -36.14 21.72
N ASN B 137 9.62 -36.91 22.68
CA ASN B 137 10.51 -37.71 23.52
C ASN B 137 10.64 -39.08 22.89
N SER B 138 10.17 -39.20 21.65
CA SER B 138 10.24 -40.46 20.90
C SER B 138 11.39 -40.35 19.90
N ASN B 139 11.72 -41.45 19.24
CA ASN B 139 12.83 -41.41 18.30
C ASN B 139 12.44 -41.68 16.86
N LYS B 140 11.17 -41.53 16.50
CA LYS B 140 10.78 -41.79 15.12
C LYS B 140 10.64 -40.48 14.35
N PRO B 141 11.52 -40.26 13.37
CA PRO B 141 11.52 -39.06 12.53
C PRO B 141 10.18 -38.65 11.94
N SER B 142 9.54 -39.58 11.23
CA SER B 142 8.26 -39.31 10.61
C SER B 142 7.20 -38.81 11.61
N LEU B 143 7.18 -39.43 12.79
CA LEU B 143 6.23 -39.02 13.83
C LEU B 143 6.56 -37.62 14.31
N ILE B 144 7.86 -37.33 14.44
CA ILE B 144 8.27 -36.02 14.89
C ILE B 144 7.92 -34.96 13.84
N ARG B 145 8.00 -35.33 12.56
CA ARG B 145 7.65 -34.39 11.49
C ARG B 145 6.21 -33.95 11.63
N THR B 146 5.32 -34.92 11.54
CA THR B 146 3.89 -34.65 11.64
C THR B 146 3.67 -33.77 12.85
N ALA B 147 4.17 -34.21 13.99
CA ALA B 147 4.02 -33.46 15.22
C ALA B 147 4.49 -32.02 15.07
N THR B 148 5.65 -31.82 14.47
CA THR B 148 6.17 -30.46 14.28
C THR B 148 5.23 -29.67 13.37
N TRP B 149 4.73 -30.35 12.34
CA TRP B 149 3.81 -29.74 11.39
C TRP B 149 2.54 -29.29 12.10
N THR B 150 1.99 -30.18 12.92
CA THR B 150 0.76 -29.88 13.66
C THR B 150 1.02 -28.74 14.63
N LEU B 151 2.22 -28.71 15.19
CA LEU B 151 2.60 -27.67 16.12
C LEU B 151 2.58 -26.31 15.42
N SER B 152 3.08 -26.25 14.18
CA SER B 152 3.10 -24.99 13.45
C SER B 152 1.66 -24.55 13.14
N ASN B 153 0.77 -25.49 12.87
CA ASN B 153 -0.61 -25.11 12.58
C ASN B 153 -1.29 -24.51 13.79
N LEU B 154 -0.79 -24.86 14.97
CA LEU B 154 -1.36 -24.35 16.21
C LEU B 154 -0.83 -22.96 16.53
N CYS B 155 0.38 -22.66 16.07
CA CYS B 155 0.98 -21.36 16.33
C CYS B 155 0.57 -20.29 15.31
N ARG B 156 0.15 -20.72 14.13
CA ARG B 156 -0.21 -19.83 13.03
C ARG B 156 -1.53 -19.09 13.15
N GLY B 157 -1.56 -17.86 12.62
CA GLY B 157 -2.76 -17.06 12.67
C GLY B 157 -2.62 -15.77 13.46
N LYS B 158 -3.09 -14.68 12.88
CA LYS B 158 -3.01 -13.38 13.55
C LYS B 158 -4.31 -12.70 13.87
N LYS B 159 -5.37 -13.01 13.14
CA LYS B 159 -6.67 -12.48 13.56
C LYS B 159 -6.67 -13.45 14.71
N PRO B 160 -7.78 -13.60 15.47
CA PRO B 160 -7.42 -14.50 16.57
C PRO B 160 -6.02 -15.07 16.68
N GLN B 161 -5.12 -14.38 17.35
CA GLN B 161 -3.77 -14.86 17.57
C GLN B 161 -4.00 -16.10 18.48
N PRO B 162 -3.26 -17.21 18.29
CA PRO B 162 -3.55 -18.33 19.19
C PRO B 162 -3.33 -17.98 20.66
N ASP B 163 -4.02 -18.72 21.54
CA ASP B 163 -3.89 -18.50 22.98
C ASP B 163 -2.42 -18.58 23.38
N TRP B 164 -1.75 -17.44 23.50
CA TRP B 164 -0.33 -17.41 23.82
C TRP B 164 0.12 -18.16 25.07
N SER B 165 -0.73 -18.24 26.08
CA SER B 165 -0.35 -18.93 27.30
C SER B 165 -0.13 -20.40 27.00
N VAL B 166 -0.85 -20.91 26.01
CA VAL B 166 -0.75 -22.31 25.62
C VAL B 166 0.40 -22.55 24.64
N VAL B 167 0.32 -21.93 23.47
CA VAL B 167 1.33 -22.09 22.43
C VAL B 167 2.78 -21.77 22.82
N SER B 168 2.97 -20.83 23.74
CA SER B 168 4.33 -20.49 24.16
C SER B 168 5.02 -21.66 24.88
N GLN B 169 4.25 -22.64 25.26
CA GLN B 169 4.79 -23.81 25.96
C GLN B 169 5.64 -24.67 25.01
N ALA B 170 5.51 -24.39 23.73
CA ALA B 170 6.20 -25.14 22.69
C ALA B 170 7.63 -24.65 22.46
N LEU B 171 7.90 -23.39 22.82
CA LEU B 171 9.22 -22.81 22.61
C LEU B 171 10.44 -23.68 22.95
N PRO B 172 10.44 -24.33 24.12
CA PRO B 172 11.60 -25.17 24.46
C PRO B 172 11.82 -26.31 23.47
N THR B 173 10.74 -26.99 23.07
CA THR B 173 10.84 -28.10 22.12
C THR B 173 11.28 -27.54 20.77
N LEU B 174 10.68 -26.43 20.36
CA LEU B 174 11.02 -25.77 19.10
C LEU B 174 12.50 -25.38 19.05
N ALA B 175 13.04 -24.93 20.18
CA ALA B 175 14.45 -24.54 20.25
C ALA B 175 15.36 -25.73 19.97
N LYS B 176 14.87 -26.92 20.29
CA LYS B 176 15.65 -28.14 20.04
C LYS B 176 15.42 -28.65 18.61
N LEU B 177 14.18 -28.55 18.13
CA LEU B 177 13.84 -29.01 16.78
C LEU B 177 14.62 -28.31 15.66
N ILE B 178 15.04 -27.08 15.89
CA ILE B 178 15.80 -26.40 14.85
C ILE B 178 17.24 -26.90 14.75
N TYR B 179 17.50 -28.04 15.37
CA TYR B 179 18.82 -28.69 15.29
C TYR B 179 18.57 -30.09 14.70
N SER B 180 17.35 -30.30 14.20
CA SER B 180 16.96 -31.58 13.63
C SER B 180 17.73 -31.96 12.36
N MET B 181 17.85 -33.26 12.13
CA MET B 181 18.55 -33.79 10.95
C MET B 181 17.55 -33.84 9.80
N ASP B 182 16.27 -33.93 10.15
CA ASP B 182 15.18 -33.99 9.18
C ASP B 182 14.89 -32.61 8.64
N THR B 183 15.02 -32.43 7.33
CA THR B 183 14.77 -31.13 6.70
C THR B 183 13.33 -30.64 6.85
N GLU B 184 12.34 -31.52 6.62
CA GLU B 184 10.94 -31.12 6.76
C GLU B 184 10.66 -30.63 8.17
N THR B 185 11.23 -31.35 9.13
CA THR B 185 11.06 -31.00 10.54
C THR B 185 11.64 -29.62 10.79
N LEU B 186 12.83 -29.36 10.25
CA LEU B 186 13.49 -28.05 10.39
C LEU B 186 12.59 -26.94 9.88
N VAL B 187 12.12 -27.13 8.66
CA VAL B 187 11.23 -26.19 8.00
C VAL B 187 10.03 -25.81 8.84
N ASP B 188 9.25 -26.81 9.24
CA ASP B 188 8.06 -26.51 10.01
C ASP B 188 8.35 -25.88 11.38
N ALA B 189 9.48 -26.25 11.96
CA ALA B 189 9.86 -25.71 13.26
C ALA B 189 10.15 -24.24 13.07
N CYS B 190 10.82 -23.89 11.98
CA CYS B 190 11.11 -22.48 11.72
C CYS B 190 9.84 -21.70 11.41
N TRP B 191 8.90 -22.34 10.70
CA TRP B 191 7.65 -21.66 10.40
C TRP B 191 6.91 -21.42 11.71
N ALA B 192 6.88 -22.43 12.58
CA ALA B 192 6.20 -22.30 13.87
C ALA B 192 6.80 -21.14 14.67
N ILE B 193 8.13 -21.11 14.72
CA ILE B 193 8.83 -20.04 15.44
C ILE B 193 8.51 -18.67 14.86
N SER B 194 8.37 -18.57 13.53
CA SER B 194 8.08 -17.28 12.92
C SER B 194 6.67 -16.83 13.30
N TYR B 195 5.77 -17.80 13.47
CA TYR B 195 4.40 -17.50 13.85
C TYR B 195 4.33 -17.02 15.30
N LEU B 196 5.14 -17.61 16.17
CA LEU B 196 5.16 -17.20 17.57
C LEU B 196 5.84 -15.83 17.70
N SER B 197 6.75 -15.53 16.78
CA SER B 197 7.47 -14.27 16.79
C SER B 197 6.69 -13.17 16.11
N ASP B 198 5.52 -13.52 15.58
CA ASP B 198 4.66 -12.57 14.90
C ASP B 198 3.65 -12.07 15.93
N GLY B 199 4.15 -11.42 16.99
CA GLY B 199 3.32 -10.90 18.06
C GLY B 199 3.96 -9.75 18.81
N PRO B 200 3.42 -9.38 20.00
CA PRO B 200 3.96 -8.28 20.81
C PRO B 200 5.35 -8.59 21.35
N GLN B 201 5.90 -7.63 22.09
CA GLN B 201 7.21 -7.75 22.71
C GLN B 201 7.30 -8.99 23.58
N GLU B 202 6.21 -9.31 24.26
CA GLU B 202 6.17 -10.49 25.13
C GLU B 202 6.53 -11.74 24.33
N ALA B 203 5.92 -11.88 23.16
CA ALA B 203 6.19 -13.03 22.31
C ALA B 203 7.67 -13.03 21.93
N ILE B 204 8.12 -11.94 21.29
CA ILE B 204 9.49 -11.82 20.86
C ILE B 204 10.50 -12.09 21.96
N GLN B 205 10.31 -11.49 23.13
CA GLN B 205 11.24 -11.71 24.22
C GLN B 205 11.26 -13.20 24.60
N ALA B 206 10.12 -13.85 24.47
CA ALA B 206 10.02 -15.27 24.79
C ALA B 206 10.92 -16.07 23.85
N VAL B 207 10.90 -15.71 22.57
CA VAL B 207 11.73 -16.41 21.58
C VAL B 207 13.20 -16.14 21.88
N ILE B 208 13.48 -14.95 22.38
CA ILE B 208 14.85 -14.55 22.70
C ILE B 208 15.40 -15.32 23.90
N ASP B 209 14.60 -15.47 24.94
CA ASP B 209 15.02 -16.17 26.14
C ASP B 209 15.33 -17.66 25.98
N VAL B 210 14.65 -18.33 25.06
CA VAL B 210 14.91 -19.75 24.86
C VAL B 210 16.08 -19.91 23.89
N ARG B 211 16.84 -18.82 23.73
CA ARG B 211 18.02 -18.77 22.88
C ARG B 211 17.89 -19.30 21.46
N ILE B 212 16.77 -18.98 20.81
CA ILE B 212 16.51 -19.39 19.45
C ILE B 212 17.21 -18.52 18.41
N PRO B 213 17.27 -17.19 18.64
CA PRO B 213 17.91 -16.27 17.71
C PRO B 213 19.20 -16.69 16.99
N LYS B 214 20.22 -17.11 17.73
CA LYS B 214 21.47 -17.51 17.09
C LYS B 214 21.34 -18.69 16.13
N ARG B 215 20.51 -19.67 16.51
CA ARG B 215 20.32 -20.82 15.65
C ARG B 215 19.61 -20.36 14.38
N LEU B 216 18.67 -19.44 14.54
CA LEU B 216 17.91 -18.89 13.42
C LEU B 216 18.88 -18.24 12.44
N VAL B 217 19.87 -17.52 12.97
CA VAL B 217 20.86 -16.86 12.14
C VAL B 217 21.72 -17.87 11.40
N GLU B 218 22.04 -19.00 12.02
CA GLU B 218 22.88 -20.00 11.34
C GLU B 218 22.09 -20.61 10.17
N LEU B 219 20.79 -20.79 10.39
CA LEU B 219 19.90 -21.35 9.40
C LEU B 219 19.68 -20.48 8.15
N LEU B 220 20.08 -19.21 8.21
CA LEU B 220 19.92 -18.31 7.06
C LEU B 220 20.84 -18.75 5.93
N SER B 221 21.89 -19.49 6.26
CA SER B 221 22.81 -19.95 5.24
C SER B 221 22.65 -21.45 4.99
N HIS B 222 21.46 -21.96 5.31
CA HIS B 222 21.18 -23.37 5.07
C HIS B 222 21.12 -23.52 3.56
N GLU B 223 21.58 -24.67 3.06
CA GLU B 223 21.60 -24.94 1.63
C GLU B 223 20.24 -24.74 0.95
N SER B 224 19.15 -24.90 1.68
CA SER B 224 17.82 -24.81 1.10
C SER B 224 17.00 -23.55 1.39
N THR B 225 16.34 -23.03 0.35
CA THR B 225 15.51 -21.85 0.49
C THR B 225 14.25 -22.21 1.30
N LEU B 226 13.93 -23.50 1.36
CA LEU B 226 12.77 -23.95 2.12
C LEU B 226 13.01 -23.75 3.62
N VAL B 227 14.28 -23.75 4.03
CA VAL B 227 14.65 -23.52 5.43
C VAL B 227 14.92 -22.02 5.59
N GLN B 228 15.64 -21.45 4.62
CA GLN B 228 15.96 -20.02 4.64
C GLN B 228 14.75 -19.11 4.74
N THR B 229 13.72 -19.39 3.94
CA THR B 229 12.52 -18.60 3.95
C THR B 229 11.90 -18.44 5.34
N PRO B 230 11.49 -19.55 6.00
CA PRO B 230 10.91 -19.39 7.33
C PRO B 230 11.89 -18.85 8.39
N ALA B 231 13.18 -19.20 8.26
CA ALA B 231 14.17 -18.72 9.22
C ALA B 231 14.27 -17.19 9.12
N LEU B 232 14.30 -16.70 7.90
CA LEU B 232 14.39 -15.26 7.65
C LEU B 232 13.11 -14.57 8.11
N ARG B 233 11.98 -15.21 7.87
CA ARG B 233 10.71 -14.64 8.27
C ARG B 233 10.73 -14.44 9.80
N ALA B 234 11.23 -15.45 10.52
CA ALA B 234 11.31 -15.40 11.98
C ALA B 234 12.26 -14.30 12.44
N VAL B 235 13.43 -14.22 11.81
CA VAL B 235 14.40 -13.19 12.12
C VAL B 235 13.76 -11.83 11.87
N GLY B 236 13.06 -11.73 10.74
CA GLY B 236 12.40 -10.48 10.38
C GLY B 236 11.35 -10.09 11.38
N ASN B 237 10.60 -11.06 11.90
CA ASN B 237 9.59 -10.73 12.89
C ASN B 237 10.23 -10.26 14.18
N ILE B 238 11.37 -10.85 14.52
CA ILE B 238 12.07 -10.49 15.75
C ILE B 238 12.62 -9.07 15.75
N VAL B 239 13.25 -8.65 14.66
CA VAL B 239 13.79 -7.29 14.62
C VAL B 239 12.70 -6.24 14.51
N THR B 240 11.42 -6.64 14.54
CA THR B 240 10.35 -5.66 14.49
C THR B 240 10.15 -5.18 15.91
N GLY B 241 10.76 -5.89 16.85
CA GLY B 241 10.64 -5.54 18.25
C GLY B 241 11.38 -4.25 18.59
N ASN B 242 11.74 -4.08 19.85
CA ASN B 242 12.44 -2.86 20.27
C ASN B 242 13.94 -2.97 20.00
N ASP B 243 14.63 -1.84 20.17
CA ASP B 243 16.07 -1.78 19.95
C ASP B 243 16.88 -2.82 20.73
N LEU B 244 16.47 -3.08 21.96
CA LEU B 244 17.18 -4.07 22.77
C LEU B 244 17.02 -5.46 22.18
N GLN B 245 15.80 -5.76 21.73
CA GLN B 245 15.51 -7.06 21.16
C GLN B 245 16.26 -7.25 19.82
N THR B 246 16.34 -6.17 19.05
CA THR B 246 17.04 -6.19 17.76
C THR B 246 18.54 -6.37 17.93
N GLN B 247 19.12 -5.78 18.98
CA GLN B 247 20.55 -5.90 19.20
C GLN B 247 20.90 -7.35 19.48
N VAL B 248 19.96 -8.07 20.10
CA VAL B 248 20.17 -9.48 20.40
C VAL B 248 20.39 -10.22 19.08
N VAL B 249 19.56 -9.90 18.10
CA VAL B 249 19.68 -10.54 16.79
C VAL B 249 20.96 -10.12 16.12
N ILE B 250 21.35 -8.87 16.33
CA ILE B 250 22.60 -8.35 15.75
C ILE B 250 23.83 -9.02 16.37
N ASN B 251 23.80 -9.25 17.68
CA ASN B 251 24.95 -9.88 18.33
C ASN B 251 25.03 -11.36 17.95
N ALA B 252 23.94 -11.89 17.41
CA ALA B 252 23.92 -13.27 16.97
C ALA B 252 24.61 -13.35 15.59
N GLY B 253 24.90 -12.17 15.04
CA GLY B 253 25.57 -12.09 13.75
C GLY B 253 24.66 -12.14 12.54
N VAL B 254 23.48 -11.53 12.65
CA VAL B 254 22.52 -11.54 11.54
C VAL B 254 22.94 -10.71 10.34
N LEU B 255 23.73 -9.66 10.57
CA LEU B 255 24.14 -8.79 9.48
C LEU B 255 25.02 -9.49 8.42
N PRO B 256 26.09 -10.19 8.84
CA PRO B 256 26.88 -10.86 7.80
C PRO B 256 26.02 -11.88 7.08
N ALA B 257 25.08 -12.48 7.80
CA ALA B 257 24.19 -13.48 7.22
C ALA B 257 23.24 -12.84 6.20
N LEU B 258 22.76 -11.64 6.50
CA LEU B 258 21.85 -10.94 5.60
C LEU B 258 22.54 -10.59 4.29
N ARG B 259 23.84 -10.34 4.37
CA ARG B 259 24.65 -9.97 3.22
C ARG B 259 24.53 -11.04 2.14
N LEU B 260 24.41 -12.29 2.57
CA LEU B 260 24.32 -13.38 1.63
C LEU B 260 22.91 -13.53 1.05
N LEU B 261 21.91 -13.23 1.87
CA LEU B 261 20.51 -13.34 1.44
C LEU B 261 20.11 -12.26 0.43
N LEU B 262 20.81 -11.12 0.45
CA LEU B 262 20.51 -10.06 -0.47
C LEU B 262 20.90 -10.48 -1.90
N SER B 263 21.70 -11.54 -2.01
CA SER B 263 22.13 -12.05 -3.31
C SER B 263 21.34 -13.28 -3.74
N SER B 264 20.40 -13.69 -2.90
CA SER B 264 19.57 -14.86 -3.17
C SER B 264 18.81 -14.80 -4.49
N PRO B 265 18.88 -15.86 -5.30
CA PRO B 265 18.14 -15.84 -6.57
C PRO B 265 16.63 -15.77 -6.34
N LYS B 266 16.23 -15.97 -5.09
CA LYS B 266 14.80 -15.93 -4.72
C LYS B 266 14.39 -14.49 -4.39
N GLU B 267 13.51 -13.93 -5.22
CA GLU B 267 13.06 -12.55 -5.04
C GLU B 267 12.50 -12.28 -3.64
N ASN B 268 11.58 -13.12 -3.14
CA ASN B 268 11.03 -12.88 -1.81
C ASN B 268 12.05 -12.94 -0.70
N ILE B 269 13.18 -13.60 -0.95
CA ILE B 269 14.22 -13.65 0.09
C ILE B 269 14.96 -12.32 0.10
N LYS B 270 15.22 -11.77 -1.09
CA LYS B 270 15.89 -10.47 -1.17
C LYS B 270 14.95 -9.46 -0.53
N LYS B 271 13.66 -9.64 -0.82
CA LYS B 271 12.63 -8.75 -0.29
C LYS B 271 12.59 -8.76 1.23
N GLU B 272 12.48 -9.95 1.82
CA GLU B 272 12.42 -10.02 3.27
C GLU B 272 13.76 -9.71 3.92
N ALA B 273 14.84 -9.83 3.15
CA ALA B 273 16.15 -9.51 3.69
C ALA B 273 16.22 -7.97 3.84
N CYS B 274 15.72 -7.25 2.82
CA CYS B 274 15.70 -5.78 2.85
C CYS B 274 14.74 -5.29 3.94
N TRP B 275 13.63 -6.03 4.09
CA TRP B 275 12.61 -5.72 5.10
C TRP B 275 13.25 -5.82 6.49
N THR B 276 13.94 -6.94 6.74
CA THR B 276 14.61 -7.18 8.01
C THR B 276 15.61 -6.04 8.27
N ILE B 277 16.44 -5.75 7.27
CA ILE B 277 17.41 -4.68 7.41
C ILE B 277 16.75 -3.33 7.70
N SER B 278 15.62 -3.03 7.07
CA SER B 278 14.96 -1.74 7.30
C SER B 278 14.47 -1.64 8.75
N ASN B 279 14.18 -2.78 9.38
CA ASN B 279 13.75 -2.74 10.77
C ASN B 279 14.93 -2.69 11.73
N ILE B 280 16.12 -2.66 11.16
CA ILE B 280 17.33 -2.56 11.97
C ILE B 280 17.81 -1.11 11.79
N THR B 281 17.63 -0.57 10.59
CA THR B 281 18.04 0.80 10.34
C THR B 281 16.99 1.75 10.93
N ALA B 282 15.87 1.17 11.33
CA ALA B 282 14.81 1.94 11.96
C ALA B 282 15.18 2.09 13.45
N GLY B 283 16.27 1.45 13.84
CA GLY B 283 16.71 1.49 15.23
C GLY B 283 17.60 2.67 15.57
N ASN B 284 18.45 2.51 16.59
CA ASN B 284 19.33 3.59 16.98
C ASN B 284 20.55 3.74 16.09
N THR B 285 21.21 4.88 16.25
CA THR B 285 22.38 5.23 15.47
C THR B 285 23.45 4.13 15.40
N GLU B 286 23.67 3.45 16.52
CA GLU B 286 24.68 2.39 16.55
C GLU B 286 24.29 1.17 15.74
N GLN B 287 22.98 0.91 15.66
CA GLN B 287 22.50 -0.23 14.90
C GLN B 287 22.57 0.11 13.40
N ILE B 288 22.35 1.38 13.07
CA ILE B 288 22.44 1.85 11.69
C ILE B 288 23.90 1.76 11.22
N GLN B 289 24.80 2.15 12.12
CA GLN B 289 26.23 2.12 11.85
C GLN B 289 26.69 0.68 11.64
N ALA B 290 26.09 -0.23 12.40
CA ALA B 290 26.43 -1.65 12.28
C ALA B 290 26.08 -2.16 10.88
N VAL B 291 24.91 -1.76 10.38
CA VAL B 291 24.47 -2.16 9.03
C VAL B 291 25.47 -1.64 8.03
N ILE B 292 25.97 -0.44 8.28
CA ILE B 292 26.95 0.20 7.42
C ILE B 292 28.27 -0.57 7.46
N ASP B 293 28.75 -0.87 8.66
CA ASP B 293 30.00 -1.60 8.85
C ASP B 293 29.95 -3.03 8.31
N ALA B 294 28.75 -3.58 8.14
CA ALA B 294 28.62 -4.95 7.64
C ALA B 294 28.61 -4.95 6.13
N ASN B 295 28.72 -3.77 5.55
CA ASN B 295 28.75 -3.61 4.10
C ASN B 295 27.42 -4.00 3.46
N LEU B 296 26.31 -3.63 4.09
CA LEU B 296 24.98 -3.93 3.59
C LEU B 296 24.39 -2.85 2.68
N ILE B 297 24.96 -1.65 2.72
CA ILE B 297 24.45 -0.56 1.90
C ILE B 297 24.65 -0.77 0.39
N PRO B 298 25.84 -1.17 -0.05
CA PRO B 298 26.04 -1.38 -1.48
C PRO B 298 25.04 -2.32 -2.14
N PRO B 299 24.86 -3.54 -1.61
CA PRO B 299 23.90 -4.46 -2.23
C PRO B 299 22.47 -3.92 -2.15
N LEU B 300 22.21 -3.14 -1.11
CA LEU B 300 20.91 -2.54 -0.88
C LEU B 300 20.66 -1.49 -1.98
N VAL B 301 21.63 -0.62 -2.21
CA VAL B 301 21.50 0.40 -3.25
C VAL B 301 21.26 -0.25 -4.61
N LYS B 302 21.92 -1.38 -4.84
CA LYS B 302 21.77 -2.11 -6.10
C LYS B 302 20.34 -2.62 -6.26
N LEU B 303 19.80 -3.22 -5.21
CA LEU B 303 18.43 -3.74 -5.28
C LEU B 303 17.45 -2.61 -5.50
N LEU B 304 17.70 -1.49 -4.82
CA LEU B 304 16.85 -0.30 -4.91
C LEU B 304 16.76 0.06 -6.40
N GLU B 305 17.78 -0.34 -7.13
CA GLU B 305 17.87 -0.04 -8.56
C GLU B 305 17.38 -1.08 -9.55
N VAL B 306 17.69 -2.36 -9.34
CA VAL B 306 17.29 -3.39 -10.30
C VAL B 306 16.24 -4.43 -9.90
N ALA B 307 16.01 -4.59 -8.61
CA ALA B 307 15.04 -5.58 -8.13
C ALA B 307 13.60 -5.27 -8.54
N GLU B 308 12.71 -6.24 -8.31
CA GLU B 308 11.30 -6.04 -8.60
C GLU B 308 10.86 -4.93 -7.66
N TYR B 309 9.70 -4.35 -7.94
CA TYR B 309 9.20 -3.26 -7.11
C TYR B 309 9.05 -3.64 -5.64
N LYS B 310 8.42 -4.78 -5.39
CA LYS B 310 8.19 -5.22 -4.01
C LYS B 310 9.48 -5.29 -3.18
N THR B 311 10.61 -5.48 -3.85
CA THR B 311 11.88 -5.55 -3.14
C THR B 311 12.45 -4.14 -3.02
N LYS B 312 12.39 -3.38 -4.12
CA LYS B 312 12.89 -2.00 -4.13
C LYS B 312 12.23 -1.22 -2.99
N LYS B 313 10.94 -1.45 -2.87
CA LYS B 313 10.08 -0.83 -1.87
C LYS B 313 10.74 -1.01 -0.49
N GLU B 314 11.18 -2.23 -0.24
CA GLU B 314 11.82 -2.60 1.01
C GLU B 314 13.21 -1.97 1.15
N ALA B 315 13.96 -1.96 0.06
CA ALA B 315 15.30 -1.36 0.08
C ALA B 315 15.17 0.12 0.39
N CYS B 316 14.12 0.75 -0.12
CA CYS B 316 13.90 2.16 0.11
C CYS B 316 13.71 2.42 1.59
N TRP B 317 12.81 1.67 2.23
CA TRP B 317 12.59 1.86 3.65
C TRP B 317 13.88 1.75 4.43
N ALA B 318 14.66 0.73 4.08
CA ALA B 318 15.93 0.48 4.75
C ALA B 318 16.84 1.69 4.61
N ILE B 319 16.95 2.20 3.40
CA ILE B 319 17.80 3.35 3.13
C ILE B 319 17.22 4.64 3.71
N SER B 320 15.91 4.79 3.63
CA SER B 320 15.29 5.99 4.16
C SER B 320 15.40 6.02 5.68
N ASN B 321 15.17 4.89 6.33
CA ASN B 321 15.30 4.85 7.78
C ASN B 321 16.75 5.17 8.15
N ALA B 322 17.68 4.68 7.34
CA ALA B 322 19.09 4.90 7.59
C ALA B 322 19.41 6.40 7.54
N SER B 323 18.83 7.10 6.57
CA SER B 323 19.09 8.52 6.42
C SER B 323 18.50 9.32 7.58
N SER B 324 17.53 8.75 8.28
CA SER B 324 16.92 9.43 9.42
C SER B 324 17.92 9.64 10.54
N GLY B 325 18.87 8.71 10.66
CA GLY B 325 19.89 8.80 11.67
C GLY B 325 20.97 9.76 11.26
N GLY B 326 20.82 10.31 10.05
CA GLY B 326 21.79 11.26 9.54
C GLY B 326 21.71 12.60 10.24
N LEU B 327 20.53 12.94 10.73
CA LEU B 327 20.35 14.21 11.45
C LEU B 327 21.37 14.23 12.58
N GLN B 328 21.52 13.08 13.24
CA GLN B 328 22.51 12.94 14.31
C GLN B 328 23.88 12.84 13.65
N ARG B 329 24.27 11.63 13.24
CA ARG B 329 25.55 11.44 12.57
C ARG B 329 25.46 11.81 11.08
N PRO B 330 25.94 13.00 10.73
CA PRO B 330 25.90 13.45 9.34
C PRO B 330 26.70 12.56 8.40
N ASP B 331 27.75 11.93 8.91
CA ASP B 331 28.58 11.06 8.07
C ASP B 331 27.84 9.84 7.55
N ILE B 332 26.74 9.48 8.20
CA ILE B 332 25.93 8.36 7.74
C ILE B 332 25.33 8.75 6.38
N ILE B 333 24.81 9.98 6.30
CA ILE B 333 24.23 10.49 5.06
C ILE B 333 25.33 10.60 4.03
N ARG B 334 26.48 11.12 4.45
CA ARG B 334 27.61 11.26 3.53
C ARG B 334 27.98 9.91 2.95
N TYR B 335 27.95 8.87 3.78
CA TYR B 335 28.28 7.53 3.31
C TYR B 335 27.21 6.99 2.35
N LEU B 336 25.95 7.20 2.69
CA LEU B 336 24.85 6.77 1.83
C LEU B 336 25.00 7.36 0.42
N VAL B 337 25.29 8.65 0.37
CA VAL B 337 25.48 9.35 -0.90
C VAL B 337 26.68 8.82 -1.66
N SER B 338 27.73 8.43 -0.93
CA SER B 338 28.94 7.91 -1.56
C SER B 338 28.64 6.61 -2.28
N GLN B 339 27.77 5.80 -1.69
CA GLN B 339 27.39 4.52 -2.28
C GLN B 339 26.41 4.63 -3.44
N GLY B 340 26.19 5.87 -3.90
CA GLY B 340 25.30 6.10 -5.03
C GLY B 340 23.83 5.80 -4.81
N CYS B 341 23.27 6.27 -3.70
CA CYS B 341 21.87 6.01 -3.42
C CYS B 341 20.93 7.06 -4.00
N ILE B 342 21.46 8.21 -4.39
CA ILE B 342 20.62 9.29 -4.93
C ILE B 342 19.90 8.95 -6.22
N LYS B 343 20.62 8.50 -7.23
CA LYS B 343 20.00 8.16 -8.51
C LYS B 343 18.84 7.16 -8.35
N PRO B 344 19.08 6.02 -7.68
CA PRO B 344 18.06 5.00 -7.45
C PRO B 344 16.82 5.55 -6.75
N LEU B 345 17.07 6.44 -5.78
CA LEU B 345 16.01 7.07 -5.02
C LEU B 345 15.15 7.96 -5.91
N CYS B 346 15.79 8.77 -6.75
CA CYS B 346 15.07 9.66 -7.64
C CYS B 346 14.21 8.90 -8.62
N ASP B 347 14.80 7.91 -9.27
CA ASP B 347 14.08 7.10 -10.25
C ASP B 347 12.86 6.44 -9.64
N LEU B 348 13.01 5.96 -8.41
CA LEU B 348 11.92 5.27 -7.72
C LEU B 348 10.65 6.13 -7.72
N LEU B 349 10.81 7.44 -7.58
CA LEU B 349 9.67 8.34 -7.56
C LEU B 349 8.75 8.12 -8.74
N GLU B 350 9.34 7.78 -9.88
CA GLU B 350 8.56 7.59 -11.10
C GLU B 350 7.65 6.35 -11.13
N ILE B 351 7.95 5.32 -10.34
CA ILE B 351 7.14 4.11 -10.36
C ILE B 351 6.45 3.73 -9.04
N ALA B 352 6.87 4.35 -7.94
CA ALA B 352 6.33 4.02 -6.63
C ALA B 352 4.90 4.45 -6.31
N ASP B 353 4.33 3.78 -5.31
CA ASP B 353 2.99 4.08 -4.82
C ASP B 353 3.14 5.29 -3.89
N ASN B 354 2.05 5.90 -3.46
CA ASN B 354 2.18 7.09 -2.61
C ASN B 354 2.94 6.93 -1.31
N ARG B 355 2.76 5.82 -0.61
CA ARG B 355 3.46 5.63 0.66
C ARG B 355 4.96 5.58 0.47
N ILE B 356 5.39 4.99 -0.63
CA ILE B 356 6.82 4.87 -0.94
C ILE B 356 7.36 6.20 -1.46
N ILE B 357 6.50 7.00 -2.09
CA ILE B 357 6.95 8.31 -2.56
C ILE B 357 7.27 9.14 -1.32
N GLU B 358 6.39 9.08 -0.32
CA GLU B 358 6.60 9.81 0.93
C GLU B 358 7.93 9.39 1.54
N VAL B 359 8.15 8.09 1.65
CA VAL B 359 9.38 7.55 2.22
C VAL B 359 10.61 8.00 1.43
N THR B 360 10.50 7.92 0.11
CA THR B 360 11.59 8.33 -0.76
C THR B 360 11.86 9.82 -0.67
N LEU B 361 10.80 10.62 -0.55
CA LEU B 361 10.98 12.05 -0.43
C LEU B 361 11.61 12.40 0.91
N ASP B 362 11.39 11.57 1.93
CA ASP B 362 12.00 11.80 3.23
C ASP B 362 13.51 11.59 3.15
N ALA B 363 13.90 10.53 2.46
CA ALA B 363 15.31 10.21 2.31
C ALA B 363 16.00 11.31 1.52
N LEU B 364 15.36 11.75 0.44
CA LEU B 364 15.93 12.80 -0.40
C LEU B 364 16.06 14.11 0.36
N GLU B 365 15.06 14.41 1.19
CA GLU B 365 15.11 15.63 1.96
C GLU B 365 16.20 15.57 3.02
N ASN B 366 16.34 14.43 3.69
CA ASN B 366 17.38 14.30 4.71
C ASN B 366 18.72 14.45 4.03
N ILE B 367 18.83 13.92 2.82
CA ILE B 367 20.05 14.01 2.05
C ILE B 367 20.30 15.47 1.70
N LEU B 368 19.24 16.21 1.40
CA LEU B 368 19.38 17.63 1.07
C LEU B 368 19.72 18.48 2.28
N LYS B 369 19.14 18.14 3.43
CA LYS B 369 19.44 18.90 4.64
C LYS B 369 20.93 18.78 4.96
N MET B 370 21.46 17.57 4.79
CA MET B 370 22.88 17.30 5.04
C MET B 370 23.77 18.09 4.10
N GLY B 371 23.52 17.96 2.81
CA GLY B 371 24.33 18.68 1.82
C GLY B 371 24.23 20.17 2.02
N GLU B 372 23.14 20.60 2.61
CA GLU B 372 22.90 22.02 2.88
C GLU B 372 23.67 22.41 4.13
N ALA B 373 23.60 21.55 5.15
CA ALA B 373 24.26 21.78 6.41
C ALA B 373 25.78 21.98 6.34
N ASP B 374 26.50 21.13 5.61
CA ASP B 374 27.94 21.33 5.54
C ASP B 374 28.33 22.21 4.35
N LYS B 375 27.32 22.76 3.69
CA LYS B 375 27.54 23.70 2.58
C LYS B 375 27.81 24.99 3.33
N GLU B 376 27.05 25.17 4.41
CA GLU B 376 27.17 26.32 5.28
C GLU B 376 28.40 26.13 6.16
N ALA B 377 28.65 24.88 6.56
CA ALA B 377 29.80 24.54 7.40
C ALA B 377 31.08 24.96 6.67
N ARG B 378 30.98 25.09 5.35
CA ARG B 378 32.10 25.52 4.52
C ARG B 378 31.65 26.80 3.82
N GLY B 379 32.55 27.40 3.04
CA GLY B 379 32.20 28.63 2.34
C GLY B 379 31.67 28.36 0.94
N LEU B 380 31.34 27.10 0.70
CA LEU B 380 30.83 26.63 -0.59
C LEU B 380 29.52 27.34 -0.94
N ASN B 381 29.28 27.53 -2.24
CA ASN B 381 28.05 28.17 -2.70
C ASN B 381 27.15 27.17 -3.42
N ILE B 382 27.28 25.89 -3.06
CA ILE B 382 26.44 24.89 -3.67
C ILE B 382 26.20 23.75 -2.72
N ASN B 383 25.02 23.15 -2.88
CA ASN B 383 24.63 22.01 -2.09
C ASN B 383 24.92 20.85 -3.03
N GLU B 384 26.06 20.19 -2.82
CA GLU B 384 26.48 19.08 -3.66
C GLU B 384 25.37 18.05 -3.89
N ASN B 385 24.69 17.65 -2.81
CA ASN B 385 23.63 16.66 -2.94
C ASN B 385 22.48 17.14 -3.82
N ALA B 386 22.15 18.43 -3.71
CA ALA B 386 21.07 18.99 -4.52
C ALA B 386 21.51 18.91 -5.97
N ASP B 387 22.78 19.21 -6.21
CA ASP B 387 23.33 19.18 -7.56
C ASP B 387 23.29 17.72 -8.03
N PHE B 388 23.63 16.81 -7.13
CA PHE B 388 23.62 15.38 -7.42
C PHE B 388 22.23 14.97 -7.92
N ILE B 389 21.20 15.40 -7.19
CA ILE B 389 19.83 15.09 -7.54
C ILE B 389 19.45 15.68 -8.90
N GLU B 390 19.86 16.92 -9.15
CA GLU B 390 19.55 17.56 -10.41
C GLU B 390 20.11 16.78 -11.59
N LYS B 391 21.36 16.35 -11.48
CA LYS B 391 22.02 15.58 -12.53
C LYS B 391 21.31 14.25 -12.77
N ALA B 392 20.95 13.57 -11.67
CA ALA B 392 20.26 12.29 -11.74
C ALA B 392 18.85 12.44 -12.25
N GLY B 393 18.46 13.69 -12.57
CA GLY B 393 17.12 13.94 -13.07
C GLY B 393 16.07 13.93 -11.99
N GLY B 394 16.51 13.97 -10.74
CA GLY B 394 15.59 13.94 -9.62
C GLY B 394 14.74 15.19 -9.44
N MET B 395 15.29 16.34 -9.79
CA MET B 395 14.57 17.60 -9.65
C MET B 395 13.24 17.55 -10.39
N GLU B 396 13.30 17.13 -11.65
CA GLU B 396 12.11 17.05 -12.47
C GLU B 396 11.08 16.09 -11.87
N LYS B 397 11.55 14.98 -11.31
CA LYS B 397 10.64 14.01 -10.70
C LYS B 397 10.05 14.55 -9.41
N ILE B 398 10.82 15.35 -8.68
CA ILE B 398 10.30 15.92 -7.45
C ILE B 398 9.28 17.00 -7.83
N PHE B 399 9.54 17.71 -8.91
CA PHE B 399 8.62 18.75 -9.37
C PHE B 399 7.29 18.09 -9.74
N ASN B 400 7.37 16.97 -10.44
CA ASN B 400 6.16 16.25 -10.85
C ASN B 400 5.29 15.84 -9.67
N CYS B 401 5.92 15.56 -8.53
CA CYS B 401 5.17 15.17 -7.34
C CYS B 401 4.29 16.30 -6.84
N GLN B 402 4.51 17.52 -7.33
CA GLN B 402 3.71 18.65 -6.90
C GLN B 402 2.26 18.43 -7.33
N GLN B 403 2.03 17.57 -8.33
CA GLN B 403 0.66 17.34 -8.78
C GLN B 403 0.05 16.06 -8.21
N ASN B 404 0.67 15.52 -7.17
CA ASN B 404 0.15 14.30 -6.55
C ASN B 404 -1.08 14.69 -5.72
N GLU B 405 -2.07 13.82 -5.67
CA GLU B 405 -3.28 14.10 -4.93
C GLU B 405 -3.08 14.15 -3.42
N ASN B 406 -2.06 13.46 -2.94
CA ASN B 406 -1.75 13.39 -1.51
C ASN B 406 -1.08 14.66 -0.98
N ASP B 407 -1.71 15.29 0.02
CA ASP B 407 -1.20 16.53 0.64
C ASP B 407 0.24 16.43 1.12
N LYS B 408 0.52 15.42 1.95
CA LYS B 408 1.85 15.25 2.48
C LYS B 408 2.88 15.25 1.34
N ILE B 409 2.56 14.55 0.26
CA ILE B 409 3.46 14.46 -0.88
C ILE B 409 3.64 15.77 -1.66
N TYR B 410 2.56 16.34 -2.20
CA TYR B 410 2.74 17.55 -2.96
C TYR B 410 3.35 18.69 -2.15
N GLU B 411 2.96 18.80 -0.88
CA GLU B 411 3.51 19.83 -0.03
C GLU B 411 5.00 19.60 0.24
N LYS B 412 5.37 18.34 0.35
CA LYS B 412 6.76 17.98 0.58
C LYS B 412 7.58 18.36 -0.67
N ALA B 413 6.94 18.16 -1.80
CA ALA B 413 7.54 18.44 -3.12
C ALA B 413 7.75 19.94 -3.32
N TYR B 414 6.73 20.76 -3.06
CA TYR B 414 6.87 22.21 -3.21
C TYR B 414 7.99 22.76 -2.33
N LYS B 415 8.00 22.30 -1.10
CA LYS B 415 9.00 22.73 -0.11
C LYS B 415 10.42 22.40 -0.59
N ILE B 416 10.57 21.20 -1.11
CA ILE B 416 11.88 20.73 -1.56
C ILE B 416 12.41 21.57 -2.73
N ILE B 417 11.59 21.73 -3.76
CA ILE B 417 11.95 22.52 -4.92
C ILE B 417 12.27 23.95 -4.51
N GLU B 418 11.36 24.54 -3.74
CA GLU B 418 11.50 25.91 -3.28
C GLU B 418 12.75 26.09 -2.42
N THR B 419 12.97 25.17 -1.51
CA THR B 419 14.10 25.24 -0.60
C THR B 419 15.48 24.98 -1.20
N TYR B 420 15.59 23.99 -2.08
CA TYR B 420 16.90 23.68 -2.65
C TYR B 420 17.07 23.92 -4.13
N PHE B 421 15.98 24.14 -4.86
CA PHE B 421 16.09 24.36 -6.29
C PHE B 421 15.42 25.65 -6.75
N GLY B 422 15.49 26.67 -5.91
CA GLY B 422 14.89 27.95 -6.25
C GLY B 422 15.85 28.84 -7.02
CO CO C . 4.97 30.26 -1.35
CO CO D . -8.01 -29.18 5.74
#